data_6LL8
#
_entry.id   6LL8
#
_cell.length_a   53.490
_cell.length_b   78.980
_cell.length_c   75.300
_cell.angle_alpha   90.000
_cell.angle_beta   98.593
_cell.angle_gamma   90.000
#
_symmetry.space_group_name_H-M   'P 1 21 1'
#
loop_
_entity.id
_entity.type
_entity.pdbx_description
1 polymer 'Inorganic pyrophosphatase'
2 non-polymer 'MAGNESIUM ION'
3 non-polymer 'CALCIUM ION'
4 non-polymer 'IMIDODIPHOSPHORIC ACID'
5 non-polymer '4-(2-HYDROXYETHYL)-1-PIPERAZINE ETHANESULFONIC ACID'
6 non-polymer GLYCEROL
7 non-polymer 'FLUORIDE ION'
8 water water
#
_entity_poly.entity_id   1
_entity_poly.type   'polypeptide(L)'
_entity_poly.pdbx_seq_one_letter_code
;MGSMYVVGHKIPDSDSICGAIALAYLKNQIGEPAIAARLGELSPETAFILEKFGFEAPEYKTSYAGEEVYIVDHSEITQA
PDDIAQATIVGIVDHHKLGDLTTSTPLECWIRPVGCSNTVIKMMYDFYQVKIPANIAGIMMCAILSDTVIFKSPTCTTAD
IRCVEALAEIAGVEDFKEVGMDMFKVKSAVEGTPARDLVMRDFKDFNMNGNLVGIGQLEVIDLAVFDDIKADLEADIAKL
KVEGNRHSVLLLLTDIMKEGSEMLVVSDSADLTERAYGKPTVDGRVWLDGVLSRKKQVVPALQDAFQKV
;
_entity_poly.pdbx_strand_id   A,B
#
loop_
_chem_comp.id
_chem_comp.type
_chem_comp.name
_chem_comp.formula
2PN non-polymer 'IMIDODIPHOSPHORIC ACID' 'H5 N O6 P2'
CA non-polymer 'CALCIUM ION' 'Ca 2'
EPE non-polymer '4-(2-HYDROXYETHYL)-1-PIPERAZINE ETHANESULFONIC ACID' 'C8 H18 N2 O4 S'
F non-polymer 'FLUORIDE ION' 'F -1'
GOL non-polymer GLYCEROL 'C3 H8 O3'
MG non-polymer 'MAGNESIUM ION' 'Mg 2'
#
# COMPACT_ATOMS: atom_id res chain seq x y z
N SER A 3 -21.50 1.93 -8.35
CA SER A 3 -20.94 1.61 -7.01
C SER A 3 -19.57 0.98 -7.16
N MET A 4 -18.67 1.25 -6.25
CA MET A 4 -17.46 0.43 -6.10
C MET A 4 -17.85 -0.94 -5.55
N TYR A 5 -17.02 -1.91 -5.82
CA TYR A 5 -17.15 -3.24 -5.20
C TYR A 5 -16.07 -3.37 -4.14
N VAL A 6 -16.49 -3.85 -2.98
CA VAL A 6 -15.60 -4.10 -1.84
C VAL A 6 -15.41 -5.60 -1.72
N VAL A 7 -14.20 -6.09 -1.90
CA VAL A 7 -14.01 -7.55 -2.05
C VAL A 7 -12.66 -7.97 -1.48
N GLY A 8 -12.73 -9.06 -0.74
CA GLY A 8 -11.56 -9.69 -0.14
C GLY A 8 -10.94 -10.75 -0.99
N HIS A 9 -10.08 -11.56 -0.38
CA HIS A 9 -9.28 -12.49 -1.16
C HIS A 9 -10.10 -13.62 -1.76
N LYS A 10 -9.57 -14.21 -2.83
CA LYS A 10 -9.99 -15.52 -3.29
C LYS A 10 -10.02 -16.48 -2.10
N ILE A 11 -10.96 -17.40 -2.15
CA ILE A 11 -11.16 -18.35 -1.02
C ILE A 11 -11.35 -17.52 0.24
N PRO A 12 -12.43 -16.74 0.27
CA PRO A 12 -12.58 -15.75 1.35
C PRO A 12 -12.77 -16.44 2.69
N ASP A 13 -12.24 -15.78 3.72
CA ASP A 13 -12.47 -16.12 5.12
C ASP A 13 -13.38 -15.07 5.76
N SER A 14 -13.60 -15.21 7.04
CA SER A 14 -14.53 -14.31 7.75
C SER A 14 -14.05 -12.86 7.65
N ASP A 15 -12.78 -12.60 7.80
CA ASP A 15 -12.31 -11.21 7.69
C ASP A 15 -12.64 -10.64 6.32
N SER A 16 -12.40 -11.38 5.26
CA SER A 16 -12.69 -10.92 3.90
C SER A 16 -14.18 -10.70 3.69
N ILE A 17 -15.03 -11.58 4.20
CA ILE A 17 -16.49 -11.47 3.99
C ILE A 17 -17.03 -10.37 4.87
N CYS A 18 -16.77 -10.46 6.17
CA CYS A 18 -17.32 -9.50 7.13
C CYS A 18 -16.76 -8.12 6.88
N GLY A 19 -15.48 -8.05 6.53
CA GLY A 19 -14.90 -6.75 6.21
C GLY A 19 -15.49 -6.13 4.97
N ALA A 20 -15.80 -6.91 3.96
CA ALA A 20 -16.47 -6.34 2.76
C ALA A 20 -17.84 -5.76 3.16
N ILE A 21 -18.60 -6.49 3.96
CA ILE A 21 -19.93 -6.00 4.42
C ILE A 21 -19.73 -4.72 5.23
N ALA A 22 -18.81 -4.74 6.18
CA ALA A 22 -18.63 -3.61 7.10
C ALA A 22 -18.13 -2.38 6.36
N LEU A 23 -17.17 -2.52 5.44
CA LEU A 23 -16.66 -1.35 4.72
C LEU A 23 -17.68 -0.88 3.72
N ALA A 24 -18.41 -1.76 3.03
CA ALA A 24 -19.45 -1.27 2.10
C ALA A 24 -20.47 -0.43 2.87
N TYR A 25 -20.88 -0.85 4.06
CA TYR A 25 -21.85 -0.08 4.85
C TYR A 25 -21.28 1.30 5.12
N LEU A 26 -20.05 1.37 5.60
CA LEU A 26 -19.40 2.65 5.93
C LEU A 26 -19.35 3.54 4.69
N LYS A 27 -18.92 3.04 3.55
CA LYS A 27 -18.86 3.83 2.32
C LYS A 27 -20.24 4.37 1.96
N ASN A 28 -21.25 3.54 2.00
CA ASN A 28 -22.61 4.04 1.69
C ASN A 28 -23.02 5.13 2.68
N GLN A 29 -22.68 5.00 3.94
CA GLN A 29 -23.07 6.01 4.94
C GLN A 29 -22.40 7.33 4.66
N ILE A 30 -21.23 7.35 4.05
CA ILE A 30 -20.51 8.62 3.76
C ILE A 30 -20.77 9.04 2.31
N GLY A 31 -21.77 8.47 1.67
CA GLY A 31 -22.17 8.96 0.33
C GLY A 31 -21.24 8.54 -0.77
N GLU A 32 -20.62 7.37 -0.64
CA GLU A 32 -19.69 6.78 -1.63
C GLU A 32 -20.25 5.42 -2.00
N PRO A 33 -21.11 5.34 -3.02
CA PRO A 33 -21.84 4.12 -3.32
C PRO A 33 -20.93 2.89 -3.39
N ALA A 34 -21.35 1.83 -2.71
CA ALA A 34 -20.52 0.63 -2.55
C ALA A 34 -21.40 -0.61 -2.51
N ILE A 35 -20.85 -1.72 -2.96
CA ILE A 35 -21.48 -3.06 -2.93
C ILE A 35 -20.43 -4.01 -2.38
N ALA A 36 -20.77 -4.78 -1.35
CA ALA A 36 -19.93 -5.88 -0.86
C ALA A 36 -19.99 -7.06 -1.80
N ALA A 37 -18.88 -7.69 -2.06
CA ALA A 37 -18.84 -8.86 -2.94
C ALA A 37 -17.91 -9.92 -2.38
N ARG A 38 -17.95 -11.08 -2.99
CA ARG A 38 -17.10 -12.22 -2.63
C ARG A 38 -16.65 -12.96 -3.89
N LEU A 39 -15.47 -13.56 -3.81
CA LEU A 39 -14.86 -14.33 -4.92
C LEU A 39 -15.05 -15.82 -4.77
N GLY A 40 -15.74 -16.28 -3.75
CA GLY A 40 -15.95 -17.71 -3.53
C GLY A 40 -17.07 -17.94 -2.57
N GLU A 41 -17.32 -19.20 -2.30
CA GLU A 41 -18.29 -19.65 -1.31
C GLU A 41 -17.78 -19.35 0.10
N LEU A 42 -18.71 -19.32 1.02
CA LEU A 42 -18.39 -19.13 2.44
CA LEU A 42 -18.47 -19.13 2.47
C LEU A 42 -17.93 -20.43 3.08
N SER A 43 -16.97 -20.29 3.98
CA SER A 43 -16.62 -21.38 4.90
C SER A 43 -17.75 -21.63 5.89
N PRO A 44 -17.79 -22.83 6.51
CA PRO A 44 -18.74 -23.04 7.60
C PRO A 44 -18.65 -22.00 8.72
N GLU A 45 -17.44 -21.59 9.07
CA GLU A 45 -17.28 -20.57 10.14
C GLU A 45 -17.97 -19.28 9.71
N THR A 46 -17.74 -18.83 8.49
CA THR A 46 -18.32 -17.56 8.05
C THR A 46 -19.83 -17.68 7.97
N ALA A 47 -20.34 -18.80 7.49
CA ALA A 47 -21.80 -19.01 7.44
C ALA A 47 -22.38 -18.88 8.86
N PHE A 48 -21.69 -19.47 9.83
CA PHE A 48 -22.11 -19.40 11.25
C PHE A 48 -22.20 -17.97 11.71
N ILE A 49 -21.17 -17.18 11.41
CA ILE A 49 -21.14 -15.75 11.85
C ILE A 49 -22.30 -14.99 11.21
N LEU A 50 -22.46 -15.12 9.89
CA LEU A 50 -23.49 -14.35 9.20
C LEU A 50 -24.87 -14.77 9.70
N GLU A 51 -25.10 -16.05 9.93
CA GLU A 51 -26.42 -16.49 10.41
C GLU A 51 -26.67 -15.90 11.79
N LYS A 52 -25.64 -15.88 12.63
CA LYS A 52 -25.81 -15.41 14.03
C LYS A 52 -26.29 -13.97 14.05
N PHE A 53 -25.80 -13.14 13.14
CA PHE A 53 -26.10 -11.69 13.13
C PHE A 53 -27.03 -11.28 12.01
N GLY A 54 -27.62 -12.23 11.29
CA GLY A 54 -28.74 -11.93 10.37
C GLY A 54 -28.36 -11.46 8.99
N PHE A 55 -27.17 -11.74 8.50
CA PHE A 55 -26.73 -11.28 7.18
C PHE A 55 -26.84 -12.36 6.11
N GLU A 56 -27.19 -11.92 4.92
CA GLU A 56 -26.99 -12.73 3.70
C GLU A 56 -25.53 -12.62 3.23
N ALA A 57 -25.07 -13.64 2.53
CA ALA A 57 -23.73 -13.61 1.92
C ALA A 57 -23.71 -12.49 0.91
N PRO A 58 -22.58 -11.80 0.77
CA PRO A 58 -22.43 -10.79 -0.26
C PRO A 58 -22.56 -11.37 -1.66
N GLU A 59 -22.78 -10.49 -2.62
CA GLU A 59 -22.86 -10.90 -4.04
C GLU A 59 -21.62 -11.68 -4.46
N TYR A 60 -21.84 -12.82 -5.08
CA TYR A 60 -20.75 -13.60 -5.68
CA TYR A 60 -20.76 -13.62 -5.68
C TYR A 60 -20.45 -13.01 -7.05
N LYS A 61 -19.24 -12.54 -7.24
CA LYS A 61 -18.85 -11.82 -8.45
C LYS A 61 -17.39 -12.08 -8.70
N THR A 62 -17.05 -12.50 -9.92
CA THR A 62 -15.66 -12.87 -10.24
C THR A 62 -15.01 -11.95 -11.27
N SER A 63 -15.77 -11.21 -12.05
CA SER A 63 -15.17 -10.30 -13.06
CA SER A 63 -15.29 -10.29 -13.14
C SER A 63 -15.44 -8.86 -12.66
N TYR A 64 -14.36 -8.10 -12.67
CA TYR A 64 -14.39 -6.71 -12.19
C TYR A 64 -13.79 -5.75 -13.21
N ALA A 65 -13.51 -6.19 -14.43
CA ALA A 65 -12.99 -5.25 -15.45
C ALA A 65 -13.94 -4.05 -15.56
N GLY A 66 -13.38 -2.86 -15.63
CA GLY A 66 -14.17 -1.63 -15.78
C GLY A 66 -14.76 -1.10 -14.49
N GLU A 67 -14.63 -1.83 -13.40
CA GLU A 67 -15.19 -1.45 -12.10
C GLU A 67 -14.16 -0.74 -11.26
N GLU A 68 -14.63 -0.06 -10.22
CA GLU A 68 -13.79 0.44 -9.13
C GLU A 68 -13.89 -0.58 -8.00
N VAL A 69 -12.74 -0.93 -7.45
CA VAL A 69 -12.62 -2.00 -6.46
C VAL A 69 -11.89 -1.50 -5.24
N TYR A 70 -12.44 -1.80 -4.07
CA TYR A 70 -11.79 -1.58 -2.77
C TYR A 70 -11.44 -2.96 -2.26
N ILE A 71 -10.14 -3.26 -2.27
CA ILE A 71 -9.58 -4.56 -1.89
C ILE A 71 -9.55 -4.65 -0.37
N VAL A 72 -9.91 -5.81 0.16
CA VAL A 72 -9.86 -6.11 1.61
C VAL A 72 -8.96 -7.32 1.82
N ASP A 73 -8.09 -7.24 2.82
CA ASP A 73 -7.49 -8.43 3.46
C ASP A 73 -6.46 -9.12 2.57
N HIS A 74 -5.88 -8.43 1.60
CA HIS A 74 -4.68 -8.87 0.86
C HIS A 74 -4.17 -7.73 0.00
N SER A 75 -3.00 -7.92 -0.60
CA SER A 75 -2.55 -7.02 -1.68
C SER A 75 -1.80 -7.79 -2.77
N GLU A 76 -2.33 -8.94 -3.14
CA GLU A 76 -1.64 -9.90 -4.04
C GLU A 76 -2.40 -10.09 -5.34
N ILE A 77 -1.65 -10.14 -6.46
CA ILE A 77 -2.25 -10.54 -7.75
C ILE A 77 -2.90 -11.91 -7.60
N THR A 78 -2.25 -12.88 -6.96
CA THR A 78 -2.74 -14.26 -6.91
C THR A 78 -4.02 -14.38 -6.09
N GLN A 79 -4.38 -13.42 -5.28
CA GLN A 79 -5.56 -13.48 -4.41
C GLN A 79 -6.64 -12.50 -4.87
N ALA A 80 -6.36 -11.69 -5.88
CA ALA A 80 -7.29 -10.69 -6.43
C ALA A 80 -8.16 -11.31 -7.50
N PRO A 81 -9.21 -10.62 -7.93
CA PRO A 81 -9.93 -11.07 -9.12
C PRO A 81 -8.96 -11.27 -10.30
N ASP A 82 -9.31 -12.21 -11.16
CA ASP A 82 -8.41 -12.55 -12.28
C ASP A 82 -8.22 -11.33 -13.21
N ASP A 83 -9.23 -10.49 -13.36
CA ASP A 83 -9.18 -9.34 -14.28
C ASP A 83 -8.96 -8.03 -13.55
N ILE A 84 -8.36 -8.07 -12.35
CA ILE A 84 -8.16 -6.81 -11.59
C ILE A 84 -7.31 -5.81 -12.37
N ALA A 85 -6.42 -6.23 -13.28
CA ALA A 85 -5.61 -5.24 -14.04
C ALA A 85 -6.49 -4.37 -14.92
N GLN A 86 -7.69 -4.82 -15.25
CA GLN A 86 -8.61 -4.02 -16.08
C GLN A 86 -9.66 -3.31 -15.23
N ALA A 87 -9.52 -3.39 -13.91
CA ALA A 87 -10.33 -2.61 -12.95
C ALA A 87 -9.49 -1.43 -12.47
N THR A 88 -10.08 -0.58 -11.67
CA THR A 88 -9.36 0.50 -10.99
C THR A 88 -9.47 0.20 -9.50
N ILE A 89 -8.31 -0.04 -8.89
CA ILE A 89 -8.26 -0.23 -7.42
C ILE A 89 -8.30 1.15 -6.78
N VAL A 90 -9.39 1.44 -6.06
CA VAL A 90 -9.54 2.72 -5.39
C VAL A 90 -9.06 2.66 -3.94
N GLY A 91 -8.91 1.47 -3.40
CA GLY A 91 -8.50 1.34 -2.02
C GLY A 91 -8.02 -0.04 -1.69
N ILE A 92 -7.22 -0.16 -0.64
CA ILE A 92 -6.83 -1.42 -0.01
C ILE A 92 -6.94 -1.19 1.49
N VAL A 93 -7.63 -2.07 2.19
CA VAL A 93 -7.60 -2.13 3.67
C VAL A 93 -7.10 -3.52 4.03
N ASP A 94 -6.02 -3.59 4.82
CA ASP A 94 -5.36 -4.89 4.98
C ASP A 94 -4.41 -4.87 6.16
N HIS A 95 -3.84 -6.03 6.43
CA HIS A 95 -2.87 -6.29 7.52
C HIS A 95 -1.85 -7.35 7.10
N HIS A 96 -1.62 -7.50 5.80
CA HIS A 96 -0.61 -8.40 5.24
C HIS A 96 0.61 -7.64 4.75
N LYS A 97 1.65 -8.37 4.39
CA LYS A 97 2.76 -7.83 3.62
C LYS A 97 2.25 -7.11 2.38
N LEU A 98 3.10 -6.24 1.87
CA LEU A 98 2.78 -5.55 0.62
C LEU A 98 3.08 -6.46 -0.55
N GLY A 99 2.04 -6.85 -1.26
CA GLY A 99 2.13 -7.73 -2.41
C GLY A 99 2.29 -6.98 -3.69
N ASP A 100 2.07 -7.72 -4.79
CA ASP A 100 2.42 -7.24 -6.14
C ASP A 100 1.24 -6.61 -6.87
N LEU A 101 0.13 -6.31 -6.19
CA LEU A 101 -0.81 -5.37 -6.79
C LEU A 101 -0.12 -4.03 -7.02
N THR A 102 -0.59 -3.37 -8.08
CA THR A 102 -0.18 -2.02 -8.47
C THR A 102 -1.39 -1.29 -9.01
N THR A 103 -1.29 0.02 -9.09
CA THR A 103 -2.30 0.85 -9.78
C THR A 103 -1.61 1.84 -10.70
N SER A 104 -2.38 2.48 -11.56
CA SER A 104 -1.84 3.59 -12.37
CA SER A 104 -1.95 3.59 -12.43
C SER A 104 -2.25 4.93 -11.77
N THR A 105 -3.14 4.92 -10.77
CA THR A 105 -3.76 6.10 -10.20
C THR A 105 -3.58 6.13 -8.69
N PRO A 106 -3.54 7.33 -8.09
CA PRO A 106 -3.59 7.43 -6.63
C PRO A 106 -4.78 6.67 -6.06
N LEU A 107 -4.60 6.18 -4.85
CA LEU A 107 -5.58 5.34 -4.14
C LEU A 107 -5.47 5.57 -2.64
N GLU A 108 -6.41 5.01 -1.90
CA GLU A 108 -6.29 4.91 -0.44
CA GLU A 108 -6.26 4.95 -0.43
C GLU A 108 -5.73 3.56 -0.05
N CYS A 109 -4.80 3.57 0.90
CA CYS A 109 -4.42 2.32 1.60
C CYS A 109 -4.51 2.60 3.09
N TRP A 110 -5.29 1.75 3.75
CA TRP A 110 -5.37 1.65 5.21
C TRP A 110 -4.79 0.30 5.57
N ILE A 111 -3.48 0.23 5.71
CA ILE A 111 -2.80 -1.04 5.96
C ILE A 111 -2.08 -0.89 7.29
N ARG A 112 -2.30 -1.81 8.20
CA ARG A 112 -1.69 -1.75 9.54
CA ARG A 112 -1.67 -1.75 9.53
C ARG A 112 -1.28 -3.15 9.93
N PRO A 113 -0.16 -3.32 10.61
CA PRO A 113 0.32 -4.66 10.96
C PRO A 113 -0.34 -5.15 12.25
N VAL A 114 -1.67 -5.27 12.19
CA VAL A 114 -2.52 -5.65 13.29
C VAL A 114 -3.08 -7.04 13.05
N GLY A 115 -3.89 -7.49 13.99
CA GLY A 115 -4.44 -8.85 13.94
C GLY A 115 -5.54 -9.10 12.95
N CYS A 116 -6.23 -8.08 12.46
CA CYS A 116 -7.41 -8.31 11.62
C CYS A 116 -7.69 -7.10 10.74
N SER A 117 -8.10 -7.32 9.49
CA SER A 117 -8.50 -6.18 8.65
C SER A 117 -9.64 -5.42 9.29
N ASN A 118 -10.55 -6.10 9.96
CA ASN A 118 -11.72 -5.43 10.58
C ASN A 118 -11.30 -4.52 11.71
N THR A 119 -10.14 -4.73 12.33
CA THR A 119 -9.61 -3.75 13.31
C THR A 119 -9.36 -2.43 12.61
N VAL A 120 -8.77 -2.50 11.41
CA VAL A 120 -8.49 -1.29 10.62
C VAL A 120 -9.81 -0.69 10.13
N ILE A 121 -10.78 -1.49 9.69
CA ILE A 121 -12.07 -0.93 9.28
C ILE A 121 -12.72 -0.21 10.46
N LYS A 122 -12.59 -0.71 11.68
CA LYS A 122 -13.15 0.02 12.84
C LYS A 122 -12.46 1.38 12.94
N MET A 123 -11.16 1.44 12.71
CA MET A 123 -10.44 2.75 12.72
CA MET A 123 -10.45 2.75 12.73
CA MET A 123 -10.42 2.73 12.70
C MET A 123 -11.03 3.67 11.65
N MET A 124 -11.46 3.12 10.53
CA MET A 124 -12.09 3.95 9.48
C MET A 124 -13.44 4.49 9.96
N TYR A 125 -14.25 3.68 10.60
CA TYR A 125 -15.51 4.18 11.17
C TYR A 125 -15.21 5.32 12.14
N ASP A 126 -14.20 5.16 12.98
CA ASP A 126 -13.84 6.19 13.97
C ASP A 126 -13.43 7.47 13.24
N PHE A 127 -12.65 7.34 12.20
CA PHE A 127 -12.16 8.51 11.45
C PHE A 127 -13.33 9.30 10.88
N TYR A 128 -14.30 8.62 10.27
CA TYR A 128 -15.46 9.27 9.65
C TYR A 128 -16.57 9.61 10.65
N GLN A 129 -16.42 9.16 11.89
CA GLN A 129 -17.43 9.39 12.95
C GLN A 129 -18.78 8.84 12.52
N VAL A 130 -18.77 7.65 11.97
CA VAL A 130 -20.00 6.90 11.59
C VAL A 130 -20.30 5.85 12.65
N LYS A 131 -21.55 5.79 13.08
CA LYS A 131 -21.99 4.82 14.10
C LYS A 131 -21.94 3.42 13.50
N ILE A 132 -21.50 2.47 14.31
CA ILE A 132 -21.45 1.04 13.90
C ILE A 132 -22.73 0.41 14.40
N PRO A 133 -23.61 -0.08 13.52
CA PRO A 133 -24.82 -0.75 13.98
C PRO A 133 -24.47 -2.06 14.71
N ALA A 134 -25.36 -2.50 15.55
CA ALA A 134 -25.16 -3.69 16.38
C ALA A 134 -24.82 -4.91 15.53
N ASN A 135 -25.53 -5.13 14.45
CA ASN A 135 -25.31 -6.33 13.63
C ASN A 135 -23.93 -6.30 12.98
N ILE A 136 -23.57 -5.18 12.40
CA ILE A 136 -22.23 -4.99 11.79
C ILE A 136 -21.17 -5.17 12.88
N ALA A 137 -21.40 -4.59 14.04
CA ALA A 137 -20.39 -4.73 15.12
C ALA A 137 -20.18 -6.21 15.45
N GLY A 138 -21.25 -6.98 15.45
CA GLY A 138 -21.13 -8.39 15.80
C GLY A 138 -20.24 -9.14 14.81
N ILE A 139 -20.47 -8.93 13.51
CA ILE A 139 -19.68 -9.69 12.53
C ILE A 139 -18.24 -9.17 12.54
N MET A 140 -18.01 -7.88 12.75
CA MET A 140 -16.64 -7.37 12.85
C MET A 140 -15.92 -7.98 14.05
N MET A 141 -16.62 -8.04 15.17
CA MET A 141 -16.08 -8.66 16.39
C MET A 141 -15.68 -10.10 16.10
N CYS A 142 -16.57 -10.84 15.45
CA CYS A 142 -16.28 -12.26 15.15
C CYS A 142 -15.06 -12.35 14.24
N ALA A 143 -14.99 -11.52 13.22
CA ALA A 143 -13.82 -11.58 12.32
C ALA A 143 -12.52 -11.38 13.09
N ILE A 144 -12.48 -10.45 14.04
CA ILE A 144 -11.23 -10.17 14.77
C ILE A 144 -10.92 -11.35 15.70
N LEU A 145 -11.92 -11.91 16.35
CA LEU A 145 -11.72 -13.10 17.19
C LEU A 145 -11.18 -14.25 16.36
N SER A 146 -11.61 -14.40 15.12
CA SER A 146 -11.16 -15.47 14.23
C SER A 146 -9.70 -15.22 13.82
N ASP A 147 -9.43 -14.05 13.25
CA ASP A 147 -8.07 -13.77 12.76
C ASP A 147 -7.04 -13.79 13.87
N THR A 148 -7.40 -13.37 15.08
CA THR A 148 -6.45 -13.35 16.19
C THR A 148 -6.45 -14.65 16.96
N VAL A 149 -7.26 -15.62 16.57
CA VAL A 149 -7.33 -16.91 17.30
C VAL A 149 -7.65 -16.63 18.77
N ILE A 150 -8.71 -15.88 18.99
CA ILE A 150 -9.14 -15.57 20.38
C ILE A 150 -7.97 -14.94 21.13
N PHE A 151 -7.27 -14.05 20.46
CA PHE A 151 -6.13 -13.26 21.00
C PHE A 151 -4.87 -14.10 21.17
N LYS A 152 -4.86 -15.37 20.79
CA LYS A 152 -3.68 -16.22 20.97
C LYS A 152 -2.63 -16.00 19.88
N SER A 153 -3.04 -15.60 18.70
CA SER A 153 -2.11 -15.47 17.58
C SER A 153 -1.10 -14.37 17.88
N PRO A 154 0.16 -14.51 17.45
CA PRO A 154 1.13 -13.45 17.62
C PRO A 154 0.86 -12.22 16.76
N THR A 155 -0.10 -12.29 15.84
CA THR A 155 -0.53 -11.10 15.12
C THR A 155 -1.39 -10.19 15.98
N CYS A 156 -1.91 -10.69 17.08
CA CYS A 156 -2.83 -9.89 17.91
C CYS A 156 -2.07 -8.73 18.55
N THR A 157 -2.70 -7.57 18.54
CA THR A 157 -2.18 -6.35 19.16
C THR A 157 -3.20 -5.84 20.16
N THR A 158 -2.77 -4.90 21.00
CA THR A 158 -3.68 -4.19 21.91
CA THR A 158 -3.72 -4.26 21.94
C THR A 158 -4.84 -3.56 21.14
N ALA A 159 -4.58 -3.04 19.95
CA ALA A 159 -5.66 -2.44 19.14
C ALA A 159 -6.75 -3.45 18.82
N ASP A 160 -6.36 -4.68 18.52
CA ASP A 160 -7.37 -5.71 18.20
C ASP A 160 -8.22 -6.04 19.43
N ILE A 161 -7.60 -6.13 20.58
CA ILE A 161 -8.31 -6.46 21.84
C ILE A 161 -9.27 -5.34 22.17
N ARG A 162 -8.78 -4.10 22.13
CA ARG A 162 -9.65 -2.94 22.44
CA ARG A 162 -9.65 -2.94 22.46
C ARG A 162 -10.81 -2.88 21.44
N CYS A 163 -10.53 -3.19 20.17
CA CYS A 163 -11.59 -3.17 19.16
CA CYS A 163 -11.62 -3.16 19.16
C CYS A 163 -12.65 -4.23 19.48
N VAL A 164 -12.23 -5.45 19.79
CA VAL A 164 -13.21 -6.51 20.15
C VAL A 164 -14.04 -6.05 21.35
N GLU A 165 -13.39 -5.50 22.37
CA GLU A 165 -14.14 -5.08 23.57
C GLU A 165 -15.19 -4.03 23.18
N ALA A 166 -14.81 -3.04 22.37
CA ALA A 166 -15.74 -1.96 21.99
C ALA A 166 -16.87 -2.51 21.13
N LEU A 167 -16.51 -3.38 20.16
CA LEU A 167 -17.53 -3.95 19.27
C LEU A 167 -18.47 -4.89 20.02
N ALA A 168 -17.95 -5.68 20.94
CA ALA A 168 -18.79 -6.61 21.72
C ALA A 168 -19.83 -5.81 22.49
N GLU A 169 -19.45 -4.66 23.06
CA GLU A 169 -20.43 -3.81 23.80
C GLU A 169 -21.51 -3.33 22.83
N ILE A 170 -21.13 -2.86 21.64
CA ILE A 170 -22.12 -2.37 20.66
C ILE A 170 -23.03 -3.49 20.22
N ALA A 171 -22.45 -4.69 20.03
CA ALA A 171 -23.22 -5.84 19.53
C ALA A 171 -24.07 -6.48 20.62
N GLY A 172 -23.87 -6.13 21.87
CA GLY A 172 -24.62 -6.79 22.96
C GLY A 172 -24.08 -8.16 23.31
N VAL A 173 -22.79 -8.40 23.09
CA VAL A 173 -22.14 -9.70 23.40
C VAL A 173 -21.32 -9.54 24.69
N GLU A 174 -21.67 -10.24 25.74
CA GLU A 174 -20.90 -10.16 27.01
CA GLU A 174 -20.91 -10.18 27.02
C GLU A 174 -19.70 -11.12 26.95
N ASP A 175 -19.92 -12.37 26.55
CA ASP A 175 -18.83 -13.37 26.62
C ASP A 175 -18.28 -13.57 25.21
N PHE A 176 -17.51 -12.61 24.77
CA PHE A 176 -16.99 -12.66 23.40
C PHE A 176 -15.96 -13.78 23.25
N LYS A 177 -15.23 -14.14 24.28
CA LYS A 177 -14.25 -15.24 24.10
C LYS A 177 -14.97 -16.55 23.83
N GLU A 178 -16.17 -16.76 24.37
CA GLU A 178 -16.95 -17.98 24.05
C GLU A 178 -17.47 -17.93 22.63
N VAL A 179 -17.81 -16.77 22.10
CA VAL A 179 -18.14 -16.69 20.66
C VAL A 179 -16.89 -17.11 19.88
N GLY A 180 -15.71 -16.66 20.28
CA GLY A 180 -14.45 -17.07 19.67
C GLY A 180 -14.33 -18.57 19.66
N MET A 181 -14.52 -19.20 20.81
CA MET A 181 -14.38 -20.65 20.90
C MET A 181 -15.44 -21.34 20.02
N ASP A 182 -16.65 -20.81 20.00
CA ASP A 182 -17.71 -21.39 19.13
C ASP A 182 -17.19 -21.47 17.69
N MET A 183 -16.60 -20.40 17.20
CA MET A 183 -16.12 -20.35 15.81
CA MET A 183 -16.13 -20.35 15.81
C MET A 183 -15.09 -21.45 15.57
N PHE A 184 -14.18 -21.66 16.50
CA PHE A 184 -13.18 -22.73 16.34
C PHE A 184 -13.77 -24.12 16.51
N LYS A 185 -14.83 -24.27 17.28
CA LYS A 185 -15.56 -25.55 17.30
C LYS A 185 -16.21 -25.81 15.94
N VAL A 186 -16.76 -24.80 15.31
CA VAL A 186 -17.28 -24.95 13.93
C VAL A 186 -16.15 -25.34 12.99
N LYS A 187 -15.01 -24.67 13.07
CA LYS A 187 -13.87 -24.98 12.19
C LYS A 187 -13.42 -26.42 12.38
N SER A 188 -13.58 -26.98 13.57
CA SER A 188 -13.07 -28.31 13.91
C SER A 188 -13.99 -29.42 13.41
N ALA A 189 -15.19 -29.08 12.92
CA ALA A 189 -16.20 -30.08 12.50
C ALA A 189 -15.88 -30.52 11.07
N VAL A 190 -14.89 -31.36 10.92
CA VAL A 190 -14.36 -31.77 9.59
C VAL A 190 -14.77 -33.20 9.22
N GLU A 191 -15.56 -33.92 10.03
CA GLU A 191 -15.94 -35.31 9.69
C GLU A 191 -16.69 -35.34 8.37
N GLY A 192 -16.30 -36.31 7.55
CA GLY A 192 -16.94 -36.64 6.27
C GLY A 192 -16.68 -35.62 5.18
N THR A 193 -15.75 -34.70 5.40
CA THR A 193 -15.41 -33.70 4.36
C THR A 193 -14.33 -34.27 3.45
N PRO A 194 -14.51 -34.21 2.11
CA PRO A 194 -13.47 -34.69 1.20
C PRO A 194 -12.13 -33.99 1.42
N ALA A 195 -11.04 -34.69 1.20
CA ALA A 195 -9.69 -34.14 1.38
C ALA A 195 -9.56 -32.84 0.59
N ARG A 196 -9.97 -32.78 -0.67
CA ARG A 196 -9.72 -31.57 -1.47
C ARG A 196 -10.47 -30.39 -0.86
N ASP A 197 -11.66 -30.60 -0.34
CA ASP A 197 -12.44 -29.51 0.26
C ASP A 197 -11.72 -28.98 1.50
N LEU A 198 -11.04 -29.86 2.26
CA LEU A 198 -10.26 -29.39 3.42
C LEU A 198 -9.01 -28.66 2.95
N VAL A 199 -8.28 -29.20 1.99
CA VAL A 199 -7.05 -28.55 1.49
C VAL A 199 -7.42 -27.12 1.02
N MET A 200 -8.53 -26.96 0.31
CA MET A 200 -8.90 -25.68 -0.31
C MET A 200 -9.68 -24.77 0.63
N ARG A 201 -10.01 -25.19 1.82
CA ARG A 201 -10.92 -24.40 2.67
C ARG A 201 -10.32 -23.04 3.01
N ASP A 202 -9.03 -23.00 3.29
CA ASP A 202 -8.35 -21.77 3.74
C ASP A 202 -7.00 -21.74 3.06
N PHE A 203 -7.03 -21.64 1.76
CA PHE A 203 -5.88 -21.85 0.87
C PHE A 203 -5.56 -20.58 0.14
N LYS A 204 -4.27 -20.26 0.05
CA LYS A 204 -3.79 -19.09 -0.69
C LYS A 204 -2.58 -19.47 -1.53
N ASP A 205 -2.54 -18.95 -2.72
CA ASP A 205 -1.35 -18.98 -3.58
C ASP A 205 -0.53 -17.73 -3.37
N PHE A 206 0.76 -17.90 -3.43
CA PHE A 206 1.78 -16.84 -3.31
C PHE A 206 2.73 -16.96 -4.47
N ASN A 207 3.06 -15.83 -5.08
CA ASN A 207 4.20 -15.71 -6.01
C ASN A 207 5.42 -15.32 -5.21
N MET A 208 6.34 -16.25 -5.00
CA MET A 208 7.58 -15.98 -4.22
C MET A 208 8.77 -16.01 -5.18
N ASN A 209 9.15 -14.83 -5.65
CA ASN A 209 10.27 -14.67 -6.61
C ASN A 209 10.03 -15.55 -7.83
N GLY A 210 8.82 -15.54 -8.37
CA GLY A 210 8.43 -16.28 -9.59
C GLY A 210 8.18 -17.75 -9.35
N ASN A 211 8.13 -18.19 -8.10
CA ASN A 211 7.76 -19.57 -7.73
C ASN A 211 6.36 -19.57 -7.14
N LEU A 212 5.48 -20.41 -7.66
CA LEU A 212 4.09 -20.44 -7.19
C LEU A 212 4.03 -21.39 -6.00
N VAL A 213 3.70 -20.86 -4.83
CA VAL A 213 3.63 -21.63 -3.57
C VAL A 213 2.19 -21.58 -3.05
N GLY A 214 1.56 -22.72 -2.91
CA GLY A 214 0.24 -22.80 -2.30
C GLY A 214 0.35 -23.17 -0.85
N ILE A 215 -0.39 -22.47 0.01
CA ILE A 215 -0.38 -22.76 1.46
C ILE A 215 -1.84 -22.83 1.94
N GLY A 216 -2.24 -23.97 2.45
CA GLY A 216 -3.51 -24.12 3.13
C GLY A 216 -3.32 -24.12 4.62
N GLN A 217 -4.41 -23.90 5.33
CA GLN A 217 -4.40 -23.98 6.80
C GLN A 217 -5.73 -24.52 7.28
N LEU A 218 -5.67 -25.38 8.27
CA LEU A 218 -6.85 -25.90 8.97
C LEU A 218 -6.62 -25.71 10.46
N GLU A 219 -7.25 -24.70 11.03
CA GLU A 219 -7.21 -24.42 12.47
C GLU A 219 -8.31 -25.20 13.16
N VAL A 220 -7.92 -25.95 14.17
CA VAL A 220 -8.85 -26.81 14.92
C VAL A 220 -8.49 -26.79 16.40
N ILE A 221 -9.36 -27.32 17.22
CA ILE A 221 -9.15 -27.41 18.68
CA ILE A 221 -9.09 -27.37 18.68
C ILE A 221 -8.28 -28.62 19.05
N ASP A 222 -8.24 -29.64 18.21
CA ASP A 222 -7.55 -30.92 18.50
C ASP A 222 -7.07 -31.55 17.20
N LEU A 223 -5.76 -31.55 17.01
CA LEU A 223 -5.03 -32.13 15.85
CA LEU A 223 -5.15 -32.12 15.78
C LEU A 223 -5.49 -33.57 15.55
N ALA A 224 -5.92 -34.30 16.57
CA ALA A 224 -6.21 -35.73 16.39
C ALA A 224 -7.34 -35.92 15.38
N VAL A 225 -8.14 -34.89 15.07
CA VAL A 225 -9.26 -35.02 14.08
C VAL A 225 -8.67 -35.36 12.71
N PHE A 226 -7.39 -35.09 12.47
CA PHE A 226 -6.79 -35.36 11.15
C PHE A 226 -6.09 -36.72 11.09
N ASP A 227 -6.08 -37.50 12.16
CA ASP A 227 -5.25 -38.72 12.15
C ASP A 227 -5.67 -39.65 11.00
N ASP A 228 -6.95 -39.88 10.81
CA ASP A 228 -7.40 -40.91 9.84
C ASP A 228 -7.25 -40.42 8.40
N ILE A 229 -7.34 -39.11 8.17
CA ILE A 229 -7.40 -38.51 6.80
CA ILE A 229 -7.40 -38.51 6.81
C ILE A 229 -6.05 -37.94 6.40
N LYS A 230 -5.05 -37.99 7.28
CA LYS A 230 -3.75 -37.33 7.01
C LYS A 230 -3.14 -37.84 5.70
N ALA A 231 -3.06 -39.14 5.50
CA ALA A 231 -2.47 -39.70 4.26
C ALA A 231 -3.25 -39.20 3.03
N ASP A 232 -4.57 -39.10 3.13
CA ASP A 232 -5.43 -38.57 2.03
C ASP A 232 -5.09 -37.10 1.77
N LEU A 233 -4.83 -36.32 2.82
CA LEU A 233 -4.43 -34.91 2.62
C LEU A 233 -3.08 -34.86 1.91
N GLU A 234 -2.15 -35.71 2.31
CA GLU A 234 -0.81 -35.74 1.69
C GLU A 234 -0.92 -36.09 0.22
N ALA A 235 -1.74 -37.08 -0.12
CA ALA A 235 -1.92 -37.47 -1.53
C ALA A 235 -2.55 -36.30 -2.27
N ASP A 236 -3.49 -35.61 -1.63
CA ASP A 236 -4.21 -34.54 -2.33
C ASP A 236 -3.32 -33.32 -2.60
N ILE A 237 -2.44 -32.96 -1.67
CA ILE A 237 -1.57 -31.79 -1.92
C ILE A 237 -0.59 -32.10 -3.07
N ALA A 238 -0.16 -33.35 -3.23
CA ALA A 238 0.73 -33.70 -4.37
C ALA A 238 -0.05 -33.51 -5.67
N LYS A 239 -1.32 -33.90 -5.73
CA LYS A 239 -2.16 -33.68 -6.93
C LYS A 239 -2.32 -32.18 -7.18
N LEU A 240 -2.62 -31.41 -6.13
CA LEU A 240 -2.83 -29.97 -6.29
C LEU A 240 -1.56 -29.30 -6.80
N LYS A 241 -0.39 -29.74 -6.37
CA LYS A 241 0.89 -29.19 -6.81
C LYS A 241 0.96 -29.31 -8.34
N VAL A 242 0.68 -30.50 -8.85
CA VAL A 242 0.78 -30.77 -10.30
C VAL A 242 -0.30 -29.99 -11.04
N GLU A 243 -1.51 -30.00 -10.52
CA GLU A 243 -2.65 -29.36 -11.23
C GLU A 243 -2.37 -27.89 -11.48
N GLY A 244 -1.70 -27.21 -10.56
CA GLY A 244 -1.44 -25.76 -10.71
C GLY A 244 -0.02 -25.47 -11.09
N ASN A 245 0.77 -26.48 -11.45
CA ASN A 245 2.21 -26.32 -11.79
C ASN A 245 2.86 -25.48 -10.71
N ARG A 246 2.65 -25.88 -9.46
CA ARG A 246 3.21 -25.14 -8.32
C ARG A 246 4.59 -25.66 -7.97
N HIS A 247 5.45 -24.79 -7.46
CA HIS A 247 6.75 -25.18 -6.88
C HIS A 247 6.50 -26.01 -5.63
N SER A 248 5.59 -25.57 -4.78
CA SER A 248 5.36 -26.16 -3.46
C SER A 248 3.88 -26.08 -3.11
N VAL A 249 3.41 -27.06 -2.37
CA VAL A 249 2.12 -26.98 -1.64
C VAL A 249 2.38 -27.36 -0.20
N LEU A 250 1.95 -26.49 0.70
CA LEU A 250 2.10 -26.68 2.15
C LEU A 250 0.71 -26.67 2.75
N LEU A 251 0.49 -27.54 3.73
CA LEU A 251 -0.79 -27.55 4.47
C LEU A 251 -0.48 -27.51 5.95
N LEU A 252 -0.92 -26.47 6.60
CA LEU A 252 -0.78 -26.29 8.06
C LEU A 252 -1.97 -26.90 8.76
N LEU A 253 -1.70 -27.87 9.62
CA LEU A 253 -2.72 -28.45 10.52
C LEU A 253 -2.44 -27.79 11.87
N THR A 254 -3.26 -26.83 12.24
CA THR A 254 -2.97 -25.89 13.34
C THR A 254 -3.87 -26.21 14.51
N ASP A 255 -3.25 -26.54 15.66
CA ASP A 255 -3.95 -26.82 16.90
C ASP A 255 -3.94 -25.55 17.72
N ILE A 256 -5.12 -24.97 17.91
CA ILE A 256 -5.20 -23.66 18.59
C ILE A 256 -5.05 -23.79 20.10
N MET A 257 -5.12 -24.98 20.64
CA MET A 257 -4.92 -25.16 22.08
CA MET A 257 -4.91 -25.27 22.09
C MET A 257 -3.44 -25.48 22.37
N LYS A 258 -2.77 -26.35 21.62
CA LYS A 258 -1.30 -26.56 21.69
C LYS A 258 -0.56 -25.30 21.22
N GLU A 259 -1.23 -24.51 20.40
CA GLU A 259 -0.64 -23.32 19.75
C GLU A 259 0.57 -23.73 18.92
N GLY A 260 0.39 -24.66 18.01
CA GLY A 260 1.42 -25.06 17.05
C GLY A 260 0.80 -25.71 15.84
N SER A 261 1.62 -25.97 14.84
CA SER A 261 1.12 -26.53 13.57
C SER A 261 1.99 -27.68 13.12
N GLU A 262 1.34 -28.70 12.55
CA GLU A 262 2.07 -29.68 11.74
C GLU A 262 1.97 -29.23 10.29
N MET A 263 3.08 -29.09 9.62
CA MET A 263 3.07 -28.71 8.21
C MET A 263 3.31 -29.93 7.35
N LEU A 264 2.42 -30.17 6.42
CA LEU A 264 2.56 -31.20 5.36
C LEU A 264 3.18 -30.49 4.15
N VAL A 265 4.19 -31.07 3.53
CA VAL A 265 4.98 -30.37 2.50
C VAL A 265 5.14 -31.27 1.29
N VAL A 266 4.84 -30.74 0.13
CA VAL A 266 5.31 -31.29 -1.17
CA VAL A 266 5.32 -31.30 -1.16
C VAL A 266 5.99 -30.16 -1.92
N SER A 267 7.23 -30.35 -2.32
CA SER A 267 8.01 -29.22 -2.86
C SER A 267 9.04 -29.70 -3.87
N ASP A 268 9.29 -28.88 -4.84
CA ASP A 268 10.46 -29.03 -5.73
C ASP A 268 11.78 -28.85 -4.98
N SER A 269 11.77 -28.20 -3.81
CA SER A 269 12.98 -28.04 -2.97
CA SER A 269 12.96 -28.01 -2.95
C SER A 269 12.96 -29.08 -1.84
N ALA A 270 13.92 -29.99 -1.86
CA ALA A 270 13.96 -31.07 -0.84
C ALA A 270 14.24 -30.50 0.55
N ASP A 271 14.86 -29.32 0.65
CA ASP A 271 15.28 -28.77 1.98
C ASP A 271 14.47 -27.52 2.33
N LEU A 272 13.26 -27.39 1.79
CA LEU A 272 12.49 -26.12 1.93
C LEU A 272 12.39 -25.71 3.39
N THR A 273 11.89 -26.57 4.29
CA THR A 273 11.62 -26.13 5.68
C THR A 273 12.92 -26.06 6.49
N GLU A 274 13.90 -26.88 6.15
CA GLU A 274 15.25 -26.72 6.77
CA GLU A 274 15.24 -26.72 6.78
C GLU A 274 15.75 -25.30 6.49
N ARG A 275 15.68 -24.87 5.24
CA ARG A 275 16.22 -23.55 4.83
CA ARG A 275 16.23 -23.54 4.84
C ARG A 275 15.35 -22.42 5.43
N ALA A 276 14.04 -22.54 5.34
CA ALA A 276 13.16 -21.42 5.76
C ALA A 276 13.11 -21.30 7.29
N TYR A 277 13.02 -22.40 8.03
CA TYR A 277 12.66 -22.41 9.47
C TYR A 277 13.75 -23.04 10.32
N GLY A 278 14.74 -23.69 9.71
CA GLY A 278 15.72 -24.47 10.47
C GLY A 278 15.10 -25.72 11.04
N LYS A 279 14.02 -26.20 10.42
CA LYS A 279 13.30 -27.41 10.89
C LYS A 279 13.00 -28.31 9.72
N PRO A 280 13.81 -29.37 9.51
CA PRO A 280 13.67 -30.20 8.34
C PRO A 280 12.39 -31.02 8.39
N THR A 281 11.80 -31.21 7.22
CA THR A 281 10.71 -32.19 7.13
C THR A 281 11.31 -33.59 7.20
N VAL A 282 10.49 -34.49 7.69
CA VAL A 282 10.78 -35.94 7.69
C VAL A 282 9.58 -36.56 7.01
N ASP A 283 9.84 -37.23 5.90
N ASP A 283 9.79 -37.21 5.87
CA ASP A 283 8.80 -37.81 5.01
CA ASP A 283 8.68 -37.91 5.17
C ASP A 283 7.64 -36.82 4.89
C ASP A 283 7.61 -36.86 4.80
N GLY A 284 7.99 -35.59 4.59
CA GLY A 284 7.00 -34.58 4.20
C GLY A 284 6.22 -33.96 5.33
N ARG A 285 6.62 -34.14 6.57
CA ARG A 285 5.93 -33.53 7.70
C ARG A 285 6.93 -32.86 8.61
N VAL A 286 6.51 -31.76 9.22
CA VAL A 286 7.35 -31.10 10.25
C VAL A 286 6.42 -30.49 11.29
N TRP A 287 6.77 -30.63 12.56
CA TRP A 287 6.04 -29.97 13.67
C TRP A 287 6.70 -28.64 13.94
N LEU A 288 5.87 -27.60 13.89
CA LEU A 288 6.29 -26.20 14.07
C LEU A 288 5.66 -25.69 15.36
N ASP A 289 6.36 -25.88 16.46
CA ASP A 289 5.92 -25.41 17.78
C ASP A 289 5.65 -23.91 17.71
N GLY A 290 4.56 -23.45 18.33
CA GLY A 290 4.28 -22.01 18.44
C GLY A 290 3.67 -21.41 17.20
N VAL A 291 3.59 -22.13 16.07
CA VAL A 291 3.13 -21.52 14.83
C VAL A 291 1.62 -21.57 14.75
N LEU A 292 1.04 -20.38 14.78
CA LEU A 292 -0.40 -20.15 14.53
C LEU A 292 -0.63 -19.36 13.23
N SER A 293 0.21 -18.38 12.95
CA SER A 293 -0.05 -17.34 11.95
C SER A 293 0.68 -17.62 10.63
N ARG A 294 -0.07 -17.74 9.54
CA ARG A 294 0.54 -17.86 8.22
C ARG A 294 1.24 -16.56 7.85
N LYS A 295 0.57 -15.42 7.98
CA LYS A 295 1.17 -14.15 7.52
C LYS A 295 2.44 -13.80 8.32
N LYS A 296 2.53 -14.18 9.60
CA LYS A 296 3.64 -13.69 10.43
C LYS A 296 4.71 -14.75 10.63
N GLN A 297 4.33 -16.02 10.71
CA GLN A 297 5.25 -17.09 11.13
C GLN A 297 5.59 -18.04 9.99
N VAL A 298 4.86 -18.03 8.89
CA VAL A 298 5.08 -18.99 7.79
C VAL A 298 5.60 -18.26 6.57
N VAL A 299 4.86 -17.26 6.08
CA VAL A 299 5.19 -16.59 4.81
C VAL A 299 6.53 -15.86 4.84
N PRO A 300 6.83 -15.01 5.84
CA PRO A 300 8.03 -14.19 5.72
C PRO A 300 9.31 -14.99 5.48
N ALA A 301 9.52 -16.02 6.27
CA ALA A 301 10.76 -16.80 6.16
C ALA A 301 10.79 -17.54 4.83
N LEU A 302 9.64 -18.00 4.36
CA LEU A 302 9.60 -18.69 3.05
CA LEU A 302 9.61 -18.70 3.06
C LEU A 302 9.94 -17.70 1.94
N GLN A 303 9.30 -16.54 1.98
CA GLN A 303 9.49 -15.54 0.90
C GLN A 303 10.96 -15.14 0.88
N ASP A 304 11.53 -14.92 2.05
CA ASP A 304 12.95 -14.50 2.11
C ASP A 304 13.83 -15.62 1.55
N ALA A 305 13.49 -16.89 1.81
CA ALA A 305 14.30 -18.05 1.34
C ALA A 305 14.27 -18.15 -0.18
N PHE A 306 13.14 -17.84 -0.80
CA PHE A 306 13.02 -17.83 -2.27
C PHE A 306 13.72 -16.61 -2.88
N GLN A 307 13.85 -15.50 -2.13
CA GLN A 307 14.39 -14.22 -2.69
C GLN A 307 15.92 -14.35 -2.74
N LYS A 308 16.49 -15.14 -1.83
CA LYS A 308 17.96 -15.35 -1.71
C LYS A 308 18.41 -16.39 -2.75
N SER B 3 17.34 2.94 15.28
CA SER B 3 16.27 3.80 14.75
C SER B 3 15.92 3.33 13.33
N MET B 4 14.64 3.47 12.98
CA MET B 4 14.23 3.39 11.57
C MET B 4 14.71 4.65 10.86
N TYR B 5 14.88 4.56 9.55
CA TYR B 5 15.13 5.74 8.72
C TYR B 5 13.85 6.08 7.98
N VAL B 6 13.51 7.34 7.98
CA VAL B 6 12.34 7.88 7.27
C VAL B 6 12.85 8.60 6.03
N VAL B 7 12.49 8.13 4.85
CA VAL B 7 13.19 8.65 3.64
C VAL B 7 12.21 8.67 2.48
N GLY B 8 12.26 9.78 1.75
CA GLY B 8 11.45 10.02 0.57
C GLY B 8 12.13 9.60 -0.71
N HIS B 9 11.60 10.05 -1.84
CA HIS B 9 12.07 9.53 -3.15
C HIS B 9 13.47 10.04 -3.48
N LYS B 10 14.13 9.28 -4.33
CA LYS B 10 15.30 9.76 -5.08
C LYS B 10 14.96 11.11 -5.69
N ILE B 11 15.94 11.97 -5.77
CA ILE B 11 15.77 13.35 -6.27
C ILE B 11 14.65 13.96 -5.43
N PRO B 12 14.89 14.13 -4.12
CA PRO B 12 13.83 14.53 -3.20
C PRO B 12 13.36 15.95 -3.50
N ASP B 13 12.08 16.15 -3.29
CA ASP B 13 11.42 17.46 -3.30
C ASP B 13 11.03 17.84 -1.87
N SER B 14 10.35 18.95 -1.74
CA SER B 14 10.00 19.49 -0.43
C SER B 14 9.15 18.49 0.36
N ASP B 15 8.19 17.85 -0.26
CA ASP B 15 7.34 16.88 0.45
C ASP B 15 8.19 15.75 1.01
N SER B 16 9.11 15.22 0.21
CA SER B 16 9.98 14.13 0.64
C SER B 16 10.90 14.56 1.77
N ILE B 17 11.44 15.76 1.73
CA ILE B 17 12.36 16.23 2.77
C ILE B 17 11.60 16.62 4.01
N CYS B 18 10.62 17.49 3.86
CA CYS B 18 9.87 17.99 5.03
C CYS B 18 9.07 16.86 5.65
N GLY B 19 8.54 15.96 4.82
CA GLY B 19 7.80 14.82 5.36
C GLY B 19 8.68 13.88 6.15
N ALA B 20 9.91 13.67 5.71
CA ALA B 20 10.83 12.83 6.49
C ALA B 20 11.10 13.47 7.85
N ILE B 21 11.33 14.77 7.88
CA ILE B 21 11.58 15.49 9.15
C ILE B 21 10.32 15.36 10.02
N ALA B 22 9.15 15.63 9.47
CA ALA B 22 7.91 15.69 10.24
C ALA B 22 7.55 14.30 10.77
N LEU B 23 7.67 13.25 9.96
CA LEU B 23 7.31 11.91 10.44
C LEU B 23 8.36 11.41 11.41
N ALA B 24 9.64 11.68 11.20
CA ALA B 24 10.63 11.25 12.20
C ALA B 24 10.32 11.86 13.56
N TYR B 25 9.98 13.13 13.59
CA TYR B 25 9.64 13.80 14.87
C TYR B 25 8.48 13.07 15.52
N LEU B 26 7.42 12.81 14.76
CA LEU B 26 6.22 12.12 15.29
C LEU B 26 6.60 10.75 15.85
N LYS B 27 7.36 9.97 15.10
CA LYS B 27 7.77 8.63 15.56
C LYS B 27 8.56 8.72 16.86
N ASN B 28 9.50 9.64 16.95
CA ASN B 28 10.26 9.80 18.20
C ASN B 28 9.33 10.19 19.34
N GLN B 29 8.33 11.03 19.10
CA GLN B 29 7.41 11.46 20.18
C GLN B 29 6.59 10.28 20.67
N ILE B 30 6.31 9.28 19.86
CA ILE B 30 5.52 8.12 20.30
C ILE B 30 6.45 6.96 20.66
N GLY B 31 7.73 7.25 20.89
CA GLY B 31 8.62 6.22 21.44
C GLY B 31 9.03 5.17 20.43
N GLU B 32 9.10 5.54 19.16
CA GLU B 32 9.50 4.66 18.04
C GLU B 32 10.71 5.30 17.39
N PRO B 33 11.94 4.96 17.84
CA PRO B 33 13.14 5.67 17.42
C PRO B 33 13.24 5.81 15.89
N ALA B 34 13.51 7.03 15.43
CA ALA B 34 13.52 7.35 14.00
C ALA B 34 14.56 8.41 13.68
N ILE B 35 15.05 8.34 12.45
CA ILE B 35 16.00 9.32 11.88
C ILE B 35 15.49 9.72 10.51
N ALA B 36 15.36 11.01 10.24
CA ALA B 36 15.03 11.52 8.91
C ALA B 36 16.26 11.41 8.00
N ALA B 37 16.07 11.03 6.77
CA ALA B 37 17.18 10.95 5.82
C ALA B 37 16.74 11.44 4.44
N ARG B 38 17.71 11.57 3.55
CA ARG B 38 17.49 11.97 2.16
C ARG B 38 18.41 11.21 1.24
N LEU B 39 17.97 11.02 0.00
CA LEU B 39 18.69 10.26 -1.04
C LEU B 39 19.38 11.20 -2.02
N GLY B 40 19.29 12.51 -1.83
CA GLY B 40 19.92 13.44 -2.75
C GLY B 40 20.05 14.79 -2.13
N GLU B 41 20.59 15.71 -2.89
CA GLU B 41 20.70 17.13 -2.51
C GLU B 41 19.33 17.80 -2.51
N LEU B 42 19.25 18.92 -1.82
CA LEU B 42 18.04 19.78 -1.75
CA LEU B 42 18.02 19.71 -1.81
C LEU B 42 17.93 20.59 -3.04
N SER B 43 16.71 20.78 -3.50
CA SER B 43 16.41 21.82 -4.50
C SER B 43 16.54 23.20 -3.86
N PRO B 44 16.69 24.25 -4.68
CA PRO B 44 16.62 25.60 -4.12
C PRO B 44 15.32 25.88 -3.33
N GLU B 45 14.19 25.38 -3.82
CA GLU B 45 12.92 25.59 -3.10
C GLU B 45 13.01 24.98 -1.70
N THR B 46 13.48 23.73 -1.60
CA THR B 46 13.50 23.06 -0.30
C THR B 46 14.50 23.76 0.63
N ALA B 47 15.64 24.19 0.08
CA ALA B 47 16.63 24.94 0.90
C ALA B 47 15.95 26.19 1.46
N PHE B 48 15.18 26.87 0.62
CA PHE B 48 14.45 28.07 1.06
C PHE B 48 13.54 27.77 2.24
N ILE B 49 12.77 26.69 2.12
CA ILE B 49 11.81 26.30 3.19
C ILE B 49 12.55 25.99 4.48
N LEU B 50 13.60 25.18 4.38
CA LEU B 50 14.28 24.76 5.64
C LEU B 50 14.96 25.98 6.28
N GLU B 51 15.53 26.87 5.48
CA GLU B 51 16.19 28.06 6.07
C GLU B 51 15.12 28.93 6.74
N LYS B 52 13.95 29.06 6.14
CA LYS B 52 12.92 29.96 6.70
C LYS B 52 12.53 29.47 8.09
N PHE B 53 12.46 28.16 8.31
CA PHE B 53 11.98 27.61 9.61
C PHE B 53 13.10 27.04 10.46
N GLY B 54 14.36 27.22 10.08
CA GLY B 54 15.47 26.94 11.00
C GLY B 54 15.97 25.52 11.02
N PHE B 55 15.74 24.73 9.98
CA PHE B 55 16.13 23.32 9.92
C PHE B 55 17.41 23.12 9.12
N GLU B 56 18.21 22.15 9.57
CA GLU B 56 19.28 21.56 8.78
C GLU B 56 18.68 20.50 7.85
N ALA B 57 19.34 20.24 6.74
CA ALA B 57 18.97 19.15 5.84
C ALA B 57 19.12 17.84 6.59
N PRO B 58 18.21 16.88 6.37
CA PRO B 58 18.35 15.57 6.97
C PRO B 58 19.64 14.89 6.52
N GLU B 59 20.01 13.83 7.23
CA GLU B 59 21.18 13.03 6.90
C GLU B 59 21.11 12.52 5.48
N TYR B 60 22.16 12.73 4.72
CA TYR B 60 22.31 12.15 3.37
CA TYR B 60 22.32 12.17 3.36
C TYR B 60 22.78 10.72 3.52
N LYS B 61 21.96 9.77 3.10
CA LYS B 61 22.27 8.35 3.30
C LYS B 61 21.69 7.59 2.12
N THR B 62 22.48 6.75 1.46
CA THR B 62 22.02 6.09 0.24
C THR B 62 21.90 4.58 0.38
N SER B 63 22.49 3.96 1.39
CA SER B 63 22.47 2.51 1.58
C SER B 63 21.69 2.18 2.85
N TYR B 64 20.74 1.27 2.73
CA TYR B 64 19.85 0.89 3.83
C TYR B 64 19.82 -0.61 4.06
N ALA B 65 20.71 -1.38 3.44
CA ALA B 65 20.77 -2.83 3.75
C ALA B 65 20.81 -3.01 5.27
N GLY B 66 19.98 -3.89 5.78
CA GLY B 66 19.96 -4.23 7.21
C GLY B 66 19.21 -3.23 8.07
N GLU B 67 18.66 -2.18 7.48
CA GLU B 67 17.90 -1.14 8.20
C GLU B 67 16.40 -1.38 8.10
N GLU B 68 15.67 -0.69 8.96
CA GLU B 68 14.22 -0.52 8.82
C GLU B 68 13.95 0.85 8.23
N VAL B 69 13.06 0.88 7.23
CA VAL B 69 12.82 2.11 6.46
C VAL B 69 11.34 2.40 6.46
N TYR B 70 11.01 3.65 6.70
CA TYR B 70 9.64 4.17 6.52
C TYR B 70 9.72 5.05 5.27
N ILE B 71 9.08 4.61 4.21
CA ILE B 71 9.11 5.30 2.91
C ILE B 71 8.10 6.45 2.92
N VAL B 72 8.50 7.57 2.35
CA VAL B 72 7.65 8.77 2.20
C VAL B 72 7.53 9.11 0.73
N ASP B 73 6.31 9.39 0.27
CA ASP B 73 6.09 10.16 -0.97
C ASP B 73 6.39 9.36 -2.23
N HIS B 74 6.41 8.02 -2.16
CA HIS B 74 6.37 7.17 -3.35
C HIS B 74 6.16 5.73 -2.91
N SER B 75 5.93 4.82 -3.85
CA SER B 75 5.96 3.38 -3.56
C SER B 75 6.62 2.61 -4.70
N GLU B 76 7.71 3.14 -5.25
CA GLU B 76 8.34 2.61 -6.47
C GLU B 76 9.74 2.08 -6.20
N ILE B 77 10.08 0.95 -6.80
CA ILE B 77 11.48 0.47 -6.80
C ILE B 77 12.41 1.54 -7.39
N THR B 78 12.03 2.15 -8.49
CA THR B 78 12.90 3.10 -9.21
C THR B 78 13.17 4.36 -8.36
N GLN B 79 12.37 4.64 -7.35
CA GLN B 79 12.53 5.86 -6.55
C GLN B 79 13.04 5.59 -5.15
N ALA B 80 13.18 4.31 -4.80
CA ALA B 80 13.64 3.85 -3.49
C ALA B 80 15.16 3.77 -3.48
N PRO B 81 15.76 3.61 -2.28
CA PRO B 81 17.18 3.32 -2.26
C PRO B 81 17.50 2.09 -3.09
N ASP B 82 18.71 2.09 -3.64
CA ASP B 82 19.16 1.02 -4.57
C ASP B 82 19.11 -0.34 -3.87
N ASP B 83 19.43 -0.39 -2.58
CA ASP B 83 19.49 -1.68 -1.83
C ASP B 83 18.27 -1.87 -0.93
N ILE B 84 17.13 -1.29 -1.29
CA ILE B 84 15.91 -1.44 -0.45
C ILE B 84 15.50 -2.90 -0.29
N ALA B 85 15.79 -3.80 -1.26
CA ALA B 85 15.40 -5.21 -1.09
C ALA B 85 16.14 -5.86 0.09
N GLN B 86 17.26 -5.28 0.52
CA GLN B 86 18.02 -5.79 1.67
CA GLN B 86 18.07 -5.76 1.66
C GLN B 86 17.65 -5.07 2.97
N ALA B 87 16.69 -4.16 2.90
CA ALA B 87 16.14 -3.47 4.08
C ALA B 87 14.79 -4.09 4.39
N THR B 88 14.20 -3.66 5.48
CA THR B 88 12.83 -4.00 5.82
C THR B 88 12.02 -2.72 5.78
N ILE B 89 11.01 -2.69 4.93
CA ILE B 89 10.09 -1.53 4.85
C ILE B 89 9.05 -1.73 5.95
N VAL B 90 9.06 -0.83 6.92
CA VAL B 90 8.11 -0.88 8.06
C VAL B 90 6.89 -0.02 7.77
N GLY B 91 6.97 0.90 6.84
CA GLY B 91 5.84 1.79 6.56
C GLY B 91 6.01 2.49 5.25
N ILE B 92 4.89 2.96 4.72
CA ILE B 92 4.80 3.88 3.56
C ILE B 92 3.75 4.93 3.92
N VAL B 93 4.12 6.20 3.76
CA VAL B 93 3.12 7.30 3.80
C VAL B 93 3.22 8.02 2.47
N ASP B 94 2.10 8.12 1.75
CA ASP B 94 2.20 8.57 0.35
C ASP B 94 0.82 8.98 -0.16
N HIS B 95 0.85 9.50 -1.39
CA HIS B 95 -0.31 10.00 -2.14
C HIS B 95 -0.13 9.73 -3.63
N HIS B 96 0.66 8.73 -3.99
CA HIS B 96 0.84 8.29 -5.37
C HIS B 96 0.10 6.99 -5.64
N LYS B 97 0.07 6.60 -6.90
CA LYS B 97 -0.31 5.25 -7.31
C LYS B 97 0.50 4.22 -6.52
N LEU B 98 -0.05 3.01 -6.46
CA LEU B 98 0.66 1.90 -5.82
C LEU B 98 1.67 1.34 -6.81
N GLY B 99 2.94 1.51 -6.46
CA GLY B 99 4.04 1.03 -7.27
C GLY B 99 4.49 -0.37 -6.89
N ASP B 100 5.67 -0.71 -7.38
CA ASP B 100 6.14 -2.10 -7.37
C ASP B 100 7.01 -2.42 -6.16
N LEU B 101 7.10 -1.56 -5.14
CA LEU B 101 7.63 -2.04 -3.85
C LEU B 101 6.76 -3.19 -3.35
N THR B 102 7.43 -4.09 -2.64
CA THR B 102 6.82 -5.21 -1.95
C THR B 102 7.56 -5.42 -0.65
N THR B 103 6.95 -6.17 0.26
CA THR B 103 7.62 -6.61 1.50
C THR B 103 7.36 -8.09 1.72
N SER B 104 8.11 -8.69 2.62
CA SER B 104 7.82 -10.08 3.04
CA SER B 104 7.90 -10.07 3.10
C SER B 104 7.02 -10.11 4.34
N THR B 105 6.88 -8.98 5.00
CA THR B 105 6.31 -8.82 6.34
C THR B 105 5.20 -7.78 6.35
N PRO B 106 4.21 -7.95 7.22
CA PRO B 106 3.25 -6.87 7.45
C PRO B 106 3.92 -5.53 7.74
N LEU B 107 3.22 -4.48 7.35
CA LEU B 107 3.72 -3.09 7.43
C LEU B 107 2.55 -2.15 7.66
N GLU B 108 2.86 -0.90 7.89
CA GLU B 108 1.87 0.19 7.89
CA GLU B 108 1.88 0.22 7.89
CA GLU B 108 1.81 0.14 7.87
C GLU B 108 1.88 0.90 6.54
N CYS B 109 0.70 1.18 6.01
CA CYS B 109 0.60 2.13 4.90
C CYS B 109 -0.46 3.15 5.26
N TRP B 110 -0.06 4.41 5.17
CA TRP B 110 -0.96 5.58 5.26
C TRP B 110 -0.90 6.22 3.88
N ILE B 111 -1.74 5.77 2.97
CA ILE B 111 -1.73 6.26 1.59
C ILE B 111 -3.10 6.82 1.33
N ARG B 112 -3.16 8.08 0.88
N ARG B 112 -3.15 8.05 0.82
CA ARG B 112 -4.46 8.71 0.57
CA ARG B 112 -4.43 8.73 0.58
C ARG B 112 -4.30 9.50 -0.70
C ARG B 112 -4.30 9.53 -0.68
N PRO B 113 -5.34 9.57 -1.54
CA PRO B 113 -5.25 10.26 -2.83
C PRO B 113 -5.50 11.76 -2.65
N VAL B 114 -4.64 12.39 -1.86
CA VAL B 114 -4.70 13.81 -1.50
C VAL B 114 -3.54 14.56 -2.17
N GLY B 115 -3.49 15.85 -1.91
CA GLY B 115 -2.52 16.73 -2.55
C GLY B 115 -1.08 16.59 -2.12
N CYS B 116 -0.83 16.08 -0.91
CA CYS B 116 0.53 16.11 -0.37
C CYS B 116 0.71 15.00 0.65
N SER B 117 1.89 14.39 0.68
CA SER B 117 2.17 13.41 1.73
C SER B 117 2.05 14.03 3.11
N ASN B 118 2.46 15.29 3.24
CA ASN B 118 2.42 15.95 4.56
C ASN B 118 0.99 16.15 5.04
N THR B 119 -0.01 16.17 4.16
CA THR B 119 -1.42 16.18 4.60
C THR B 119 -1.71 14.89 5.36
N VAL B 120 -1.22 13.78 4.82
CA VAL B 120 -1.40 12.48 5.48
C VAL B 120 -0.60 12.45 6.78
N ILE B 121 0.61 12.97 6.80
CA ILE B 121 1.39 12.99 8.05
C ILE B 121 0.65 13.82 9.11
N LYS B 122 0.02 14.91 8.72
CA LYS B 122 -0.79 15.68 9.69
C LYS B 122 -1.88 14.77 10.28
N MET B 123 -2.53 13.97 9.44
CA MET B 123 -3.57 13.01 9.91
CA MET B 123 -3.58 13.05 9.93
CA MET B 123 -3.56 13.01 9.89
C MET B 123 -2.95 12.05 10.92
N MET B 124 -1.69 11.67 10.71
CA MET B 124 -1.01 10.78 11.67
C MET B 124 -0.81 11.49 13.01
N TYR B 125 -0.34 12.73 12.99
CA TYR B 125 -0.23 13.50 14.26
C TYR B 125 -1.59 13.54 14.96
N ASP B 126 -2.66 13.76 14.22
CA ASP B 126 -3.99 13.85 14.83
C ASP B 126 -4.36 12.50 15.44
N PHE B 127 -4.07 11.41 14.75
CA PHE B 127 -4.40 10.07 15.25
C PHE B 127 -3.69 9.79 16.57
N TYR B 128 -2.42 10.13 16.65
CA TYR B 128 -1.61 9.87 17.85
C TYR B 128 -1.81 10.95 18.91
N GLN B 129 -2.47 12.04 18.59
CA GLN B 129 -2.70 13.18 19.52
C GLN B 129 -1.35 13.75 19.99
N VAL B 130 -0.46 13.93 19.04
CA VAL B 130 0.87 14.55 19.27
C VAL B 130 0.81 15.98 18.77
N LYS B 131 1.30 16.91 19.58
CA LYS B 131 1.32 18.32 19.18
C LYS B 131 2.33 18.53 18.06
N ILE B 132 1.98 19.37 17.11
CA ILE B 132 2.91 19.72 16.02
C ILE B 132 3.62 20.98 16.43
N PRO B 133 4.95 20.97 16.61
CA PRO B 133 5.67 22.19 16.94
C PRO B 133 5.55 23.22 15.82
N ALA B 134 5.69 24.49 16.17
CA ALA B 134 5.54 25.58 15.19
C ALA B 134 6.50 25.42 14.02
N ASN B 135 7.76 25.07 14.25
CA ASN B 135 8.74 24.98 13.16
C ASN B 135 8.35 23.85 12.21
N ILE B 136 7.97 22.69 12.75
CA ILE B 136 7.56 21.55 11.92
C ILE B 136 6.29 21.93 11.17
N ALA B 137 5.34 22.60 11.83
CA ALA B 137 4.11 22.99 11.14
C ALA B 137 4.44 23.86 9.94
N GLY B 138 5.42 24.75 10.10
CA GLY B 138 5.75 25.64 8.98
C GLY B 138 6.26 24.88 7.77
N ILE B 139 7.15 23.92 7.97
CA ILE B 139 7.71 23.18 6.81
C ILE B 139 6.65 22.25 6.22
N MET B 140 5.78 21.69 7.05
CA MET B 140 4.69 20.86 6.53
C MET B 140 3.74 21.71 5.67
N MET B 141 3.40 22.89 6.15
CA MET B 141 2.55 23.85 5.43
C MET B 141 3.18 24.15 4.08
N CYS B 142 4.47 24.44 4.07
CA CYS B 142 5.16 24.76 2.80
C CYS B 142 5.11 23.56 1.86
N ALA B 143 5.35 22.37 2.35
CA ALA B 143 5.29 21.19 1.48
C ALA B 143 3.92 21.08 0.79
N ILE B 144 2.85 21.29 1.55
CA ILE B 144 1.51 21.13 0.99
C ILE B 144 1.28 22.22 -0.05
N LEU B 145 1.69 23.46 0.25
CA LEU B 145 1.56 24.55 -0.72
C LEU B 145 2.34 24.23 -1.99
N SER B 146 3.48 23.60 -1.89
CA SER B 146 4.28 23.24 -3.06
C SER B 146 3.57 22.15 -3.85
N ASP B 147 3.24 21.06 -3.19
CA ASP B 147 2.66 19.90 -3.91
C ASP B 147 1.33 20.27 -4.54
N THR B 148 0.53 21.12 -3.90
CA THR B 148 -0.77 21.48 -4.46
C THR B 148 -0.69 22.69 -5.38
N VAL B 149 0.50 23.25 -5.59
CA VAL B 149 0.65 24.46 -6.42
C VAL B 149 -0.29 25.55 -5.91
N ILE B 150 -0.16 25.85 -4.63
CA ILE B 150 -0.97 26.94 -4.01
C ILE B 150 -2.44 26.65 -4.27
N PHE B 151 -2.82 25.39 -4.12
CA PHE B 151 -4.20 24.86 -4.27
C PHE B 151 -4.69 24.85 -5.72
N LYS B 152 -3.85 25.15 -6.69
CA LYS B 152 -4.26 25.17 -8.10
C LYS B 152 -4.26 23.77 -8.70
N SER B 153 -3.42 22.87 -8.20
CA SER B 153 -3.28 21.54 -8.81
C SER B 153 -4.58 20.75 -8.62
N PRO B 154 -4.97 19.92 -9.60
CA PRO B 154 -6.15 19.11 -9.41
C PRO B 154 -5.99 17.98 -8.40
N THR B 155 -4.77 17.78 -7.89
CA THR B 155 -4.59 16.87 -6.74
C THR B 155 -5.06 17.48 -5.44
N CYS B 156 -5.27 18.79 -5.39
CA CYS B 156 -5.66 19.44 -4.13
C CYS B 156 -7.05 18.99 -3.73
N THR B 157 -7.21 18.71 -2.45
CA THR B 157 -8.49 18.35 -1.83
C THR B 157 -8.81 19.31 -0.72
N THR B 158 -10.05 19.28 -0.25
CA THR B 158 -10.40 20.11 0.92
CA THR B 158 -10.46 20.03 0.95
C THR B 158 -9.54 19.70 2.13
N ALA B 159 -9.14 18.44 2.27
CA ALA B 159 -8.26 18.03 3.37
C ALA B 159 -6.94 18.80 3.30
N ASP B 160 -6.39 18.99 2.11
CA ASP B 160 -5.11 19.74 2.00
C ASP B 160 -5.28 21.19 2.40
N ILE B 161 -6.39 21.80 1.99
CA ILE B 161 -6.62 23.22 2.32
C ILE B 161 -6.81 23.37 3.81
N ARG B 162 -7.64 22.53 4.41
CA ARG B 162 -7.87 22.60 5.87
CA ARG B 162 -7.88 22.61 5.87
C ARG B 162 -6.56 22.35 6.61
N CYS B 163 -5.73 21.46 6.11
CA CYS B 163 -4.45 21.16 6.74
CA CYS B 163 -4.42 21.17 6.78
C CYS B 163 -3.53 22.41 6.69
N VAL B 164 -3.43 23.04 5.52
CA VAL B 164 -2.61 24.27 5.41
C VAL B 164 -3.12 25.34 6.37
N GLU B 165 -4.45 25.51 6.45
CA GLU B 165 -4.99 26.54 7.35
C GLU B 165 -4.61 26.22 8.78
N ALA B 166 -4.73 24.97 9.19
CA ALA B 166 -4.43 24.57 10.59
C ALA B 166 -2.94 24.73 10.86
N LEU B 167 -2.10 24.30 9.92
CA LEU B 167 -0.64 24.37 10.13
C LEU B 167 -0.16 25.81 10.12
N ALA B 168 -0.75 26.64 9.26
CA ALA B 168 -0.37 28.07 9.21
C ALA B 168 -0.67 28.72 10.56
N GLU B 169 -1.79 28.39 11.18
CA GLU B 169 -2.12 28.93 12.52
C GLU B 169 -1.05 28.50 13.51
N ILE B 170 -0.72 27.22 13.54
CA ILE B 170 0.31 26.71 14.49
C ILE B 170 1.66 27.38 14.24
N ALA B 171 2.01 27.56 12.96
CA ALA B 171 3.32 28.11 12.56
C ALA B 171 3.38 29.63 12.73
N GLY B 172 2.24 30.30 12.91
CA GLY B 172 2.22 31.76 12.99
C GLY B 172 2.35 32.43 11.64
N VAL B 173 1.90 31.77 10.59
CA VAL B 173 1.94 32.32 9.21
C VAL B 173 0.57 32.91 8.89
N GLU B 174 0.54 34.19 8.59
CA GLU B 174 -0.69 34.91 8.23
C GLU B 174 -1.06 34.60 6.76
N ASP B 175 -0.15 34.92 5.89
CA ASP B 175 -0.42 34.92 4.44
C ASP B 175 0.26 33.71 3.83
N PHE B 176 -0.37 32.57 4.00
CA PHE B 176 0.24 31.32 3.51
C PHE B 176 0.26 31.27 1.97
N LYS B 177 -0.68 31.92 1.30
CA LYS B 177 -0.64 31.87 -0.17
C LYS B 177 0.57 32.66 -0.68
N GLU B 178 1.00 33.71 0.01
CA GLU B 178 2.22 34.44 -0.43
C GLU B 178 3.47 33.63 -0.10
N VAL B 179 3.49 32.85 0.97
CA VAL B 179 4.60 31.88 1.13
C VAL B 179 4.63 30.93 -0.07
N GLY B 180 3.46 30.42 -0.46
CA GLY B 180 3.36 29.59 -1.66
C GLY B 180 3.97 30.26 -2.86
N MET B 181 3.56 31.52 -3.11
CA MET B 181 4.09 32.22 -4.30
C MET B 181 5.60 32.42 -4.16
N ASP B 182 6.13 32.69 -2.97
CA ASP B 182 7.58 32.84 -2.77
C ASP B 182 8.27 31.57 -3.25
N MET B 183 7.74 30.42 -2.89
CA MET B 183 8.40 29.15 -3.26
CA MET B 183 8.39 29.15 -3.25
C MET B 183 8.44 29.03 -4.78
N PHE B 184 7.37 29.39 -5.47
CA PHE B 184 7.40 29.27 -6.95
C PHE B 184 8.25 30.36 -7.61
N LYS B 185 8.42 31.50 -6.95
CA LYS B 185 9.40 32.51 -7.43
CA LYS B 185 9.39 32.51 -7.45
C LYS B 185 10.82 31.95 -7.27
N VAL B 186 11.10 31.26 -6.18
CA VAL B 186 12.42 30.58 -6.06
C VAL B 186 12.58 29.54 -7.17
N LYS B 187 11.53 28.74 -7.44
CA LYS B 187 11.63 27.69 -8.49
CA LYS B 187 11.65 27.71 -8.49
C LYS B 187 11.90 28.33 -9.86
N SER B 188 11.47 29.58 -10.06
CA SER B 188 11.54 30.26 -11.37
C SER B 188 12.91 30.86 -11.61
N ALA B 189 13.81 30.88 -10.63
CA ALA B 189 15.13 31.53 -10.71
C ALA B 189 16.11 30.54 -11.34
N VAL B 190 16.00 30.36 -12.64
CA VAL B 190 16.78 29.33 -13.36
C VAL B 190 17.90 29.96 -14.20
N GLU B 191 18.18 31.28 -14.09
CA GLU B 191 19.26 31.93 -14.89
C GLU B 191 20.60 31.26 -14.59
N GLY B 192 21.31 30.87 -15.65
CA GLY B 192 22.69 30.35 -15.55
C GLY B 192 22.75 28.90 -15.16
N THR B 193 21.61 28.20 -15.04
CA THR B 193 21.63 26.81 -14.57
C THR B 193 21.84 25.91 -15.76
N PRO B 194 22.82 24.99 -15.72
CA PRO B 194 23.02 24.05 -16.80
C PRO B 194 21.77 23.22 -17.13
N ALA B 195 21.62 22.89 -18.40
CA ALA B 195 20.45 22.13 -18.88
C ALA B 195 20.28 20.85 -18.07
N ARG B 196 21.33 20.07 -17.85
CA ARG B 196 21.16 18.78 -17.17
C ARG B 196 20.68 19.01 -15.73
N ASP B 197 21.14 20.05 -15.06
CA ASP B 197 20.69 20.34 -13.69
C ASP B 197 19.20 20.65 -13.69
N LEU B 198 18.69 21.34 -14.72
CA LEU B 198 17.25 21.61 -14.79
C LEU B 198 16.51 20.30 -15.11
N VAL B 199 16.96 19.51 -16.06
CA VAL B 199 16.27 18.25 -16.40
C VAL B 199 16.16 17.36 -15.16
N MET B 200 17.22 17.29 -14.37
CA MET B 200 17.28 16.38 -13.21
C MET B 200 16.71 17.00 -11.95
N ARG B 201 16.29 18.25 -11.96
CA ARG B 201 15.91 18.90 -10.69
C ARG B 201 14.71 18.21 -10.04
N ASP B 202 13.74 17.77 -10.83
CA ASP B 202 12.49 17.20 -10.33
C ASP B 202 12.13 16.06 -11.25
N PHE B 203 12.98 15.07 -11.27
CA PHE B 203 12.99 13.99 -12.26
C PHE B 203 12.71 12.66 -11.56
N LYS B 204 11.85 11.85 -12.17
CA LYS B 204 11.52 10.52 -11.69
C LYS B 204 11.55 9.53 -12.83
N ASP B 205 12.06 8.35 -12.54
CA ASP B 205 11.92 7.19 -13.43
C ASP B 205 10.71 6.36 -12.99
N PHE B 206 10.06 5.78 -13.98
CA PHE B 206 8.90 4.89 -13.85
C PHE B 206 9.14 3.65 -14.68
N ASN B 207 8.86 2.51 -14.08
CA ASN B 207 8.78 1.23 -14.79
C ASN B 207 7.33 1.06 -15.24
N MET B 208 7.05 1.25 -16.52
CA MET B 208 5.68 1.15 -17.06
C MET B 208 5.61 -0.10 -17.93
N ASN B 209 5.17 -1.18 -17.31
CA ASN B 209 5.07 -2.50 -17.98
C ASN B 209 6.42 -2.87 -18.63
N GLY B 210 7.52 -2.74 -17.89
CA GLY B 210 8.88 -3.11 -18.31
C GLY B 210 9.55 -2.09 -19.23
N ASN B 211 8.92 -0.94 -19.42
CA ASN B 211 9.50 0.17 -20.21
C ASN B 211 9.94 1.26 -19.22
N LEU B 212 11.18 1.67 -19.28
CA LEU B 212 11.72 2.71 -18.39
C LEU B 212 11.39 4.07 -18.98
N VAL B 213 10.63 4.85 -18.21
CA VAL B 213 10.16 6.18 -18.64
C VAL B 213 10.63 7.19 -17.63
N GLY B 214 11.42 8.15 -18.09
CA GLY B 214 11.83 9.25 -17.23
C GLY B 214 10.96 10.46 -17.45
N ILE B 215 10.56 11.12 -16.39
CA ILE B 215 9.73 12.33 -16.48
C ILE B 215 10.29 13.38 -15.55
N GLY B 216 10.70 14.49 -16.12
CA GLY B 216 11.06 15.67 -15.34
C GLY B 216 9.98 16.71 -15.37
N GLN B 217 10.06 17.64 -14.44
CA GLN B 217 9.12 18.76 -14.37
C GLN B 217 9.85 19.99 -13.86
N LEU B 218 9.54 21.11 -14.47
CA LEU B 218 10.00 22.45 -14.02
C LEU B 218 8.78 23.35 -13.92
N GLU B 219 8.34 23.58 -12.70
CA GLU B 219 7.23 24.49 -12.41
C GLU B 219 7.79 25.89 -12.24
N VAL B 220 7.21 26.83 -12.97
CA VAL B 220 7.67 28.24 -12.92
C VAL B 220 6.47 29.15 -13.07
N ILE B 221 6.69 30.43 -12.82
CA ILE B 221 5.64 31.46 -12.93
CA ILE B 221 5.58 31.41 -12.94
C ILE B 221 5.44 31.91 -14.37
N ASP B 222 6.44 31.74 -15.23
CA ASP B 222 6.42 32.29 -16.62
C ASP B 222 7.27 31.38 -17.49
N LEU B 223 6.64 30.64 -18.39
CA LEU B 223 7.27 29.70 -19.34
CA LEU B 223 7.35 29.70 -19.28
C LEU B 223 8.38 30.37 -20.17
N ALA B 224 8.26 31.68 -20.36
CA ALA B 224 9.23 32.38 -21.26
C ALA B 224 10.66 32.21 -20.73
N VAL B 225 10.85 31.89 -19.44
CA VAL B 225 12.22 31.72 -18.88
C VAL B 225 12.95 30.61 -19.61
N PHE B 226 12.25 29.70 -20.26
CA PHE B 226 12.91 28.58 -20.95
C PHE B 226 13.12 28.84 -22.45
N ASP B 227 12.75 30.00 -22.97
CA ASP B 227 12.84 30.23 -24.43
C ASP B 227 14.27 29.99 -24.95
N ASP B 228 15.28 30.57 -24.29
CA ASP B 228 16.68 30.55 -24.78
C ASP B 228 17.29 29.16 -24.61
N ILE B 229 16.93 28.40 -23.57
CA ILE B 229 17.58 27.10 -23.24
C ILE B 229 16.77 25.92 -23.80
N LYS B 230 15.63 26.13 -24.43
CA LYS B 230 14.72 25.01 -24.78
C LYS B 230 15.42 24.01 -25.70
N ALA B 231 16.09 24.46 -26.74
CA ALA B 231 16.79 23.52 -27.64
C ALA B 231 17.83 22.72 -26.83
N ASP B 232 18.53 23.35 -25.89
CA ASP B 232 19.50 22.65 -25.02
C ASP B 232 18.78 21.60 -24.15
N LEU B 233 17.59 21.91 -23.66
CA LEU B 233 16.84 20.91 -22.87
C LEU B 233 16.44 19.74 -23.76
N GLU B 234 16.05 20.00 -25.00
CA GLU B 234 15.69 18.93 -25.94
C GLU B 234 16.92 18.06 -26.23
N ALA B 235 18.06 18.67 -26.46
CA ALA B 235 19.29 17.89 -26.70
C ALA B 235 19.63 17.05 -25.47
N ASP B 236 19.40 17.62 -24.30
CA ASP B 236 19.80 16.94 -23.05
C ASP B 236 18.88 15.76 -22.76
N ILE B 237 17.57 15.87 -23.00
CA ILE B 237 16.70 14.71 -22.75
C ILE B 237 16.98 13.57 -23.76
N ALA B 238 17.43 13.89 -24.96
CA ALA B 238 17.82 12.86 -25.93
C ALA B 238 19.03 12.10 -25.38
N LYS B 239 19.98 12.82 -24.79
CA LYS B 239 21.18 12.21 -24.18
C LYS B 239 20.78 11.38 -22.96
N LEU B 240 19.89 11.89 -22.11
CA LEU B 240 19.51 11.15 -20.89
C LEU B 240 18.77 9.88 -21.26
N LYS B 241 18.00 9.89 -22.33
CA LYS B 241 17.29 8.70 -22.82
C LYS B 241 18.30 7.58 -23.08
N VAL B 242 19.36 7.87 -23.81
CA VAL B 242 20.39 6.87 -24.20
C VAL B 242 21.17 6.47 -22.97
N GLU B 243 21.53 7.41 -22.12
CA GLU B 243 22.40 7.15 -20.96
C GLU B 243 21.77 6.07 -20.08
N GLY B 244 20.45 6.09 -19.93
CA GLY B 244 19.73 5.19 -19.01
C GLY B 244 19.00 4.07 -19.74
N ASN B 245 19.19 3.92 -21.05
CA ASN B 245 18.46 2.92 -21.86
C ASN B 245 16.96 3.06 -21.59
N ARG B 246 16.47 4.28 -21.64
CA ARG B 246 15.06 4.56 -21.38
C ARG B 246 14.25 4.44 -22.66
N HIS B 247 13.03 3.97 -22.54
CA HIS B 247 12.04 3.99 -23.65
C HIS B 247 11.72 5.44 -24.04
N SER B 248 11.47 6.28 -23.05
CA SER B 248 11.00 7.66 -23.26
C SER B 248 11.65 8.53 -22.20
N VAL B 249 11.86 9.79 -22.54
CA VAL B 249 12.11 10.87 -21.54
C VAL B 249 11.19 12.01 -21.90
N LEU B 250 10.46 12.49 -20.90
CA LEU B 250 9.51 13.59 -21.03
C LEU B 250 9.98 14.68 -20.09
N LEU B 251 9.86 15.92 -20.51
CA LEU B 251 10.13 17.06 -19.61
C LEU B 251 8.95 18.01 -19.68
N LEU B 252 8.29 18.20 -18.54
CA LEU B 252 7.17 19.12 -18.38
C LEU B 252 7.67 20.51 -18.02
N LEU B 253 7.41 21.49 -18.86
CA LEU B 253 7.68 22.91 -18.56
C LEU B 253 6.33 23.47 -18.13
N THR B 254 6.14 23.66 -16.84
CA THR B 254 4.81 23.89 -16.26
C THR B 254 4.70 25.34 -15.81
N ASP B 255 3.75 26.03 -16.40
CA ASP B 255 3.45 27.43 -16.07
C ASP B 255 2.33 27.44 -15.05
N ILE B 256 2.61 27.84 -13.82
CA ILE B 256 1.63 27.74 -12.73
C ILE B 256 0.63 28.88 -12.82
N MET B 257 0.86 29.91 -13.64
CA MET B 257 -0.13 31.00 -13.79
C MET B 257 -1.09 30.67 -14.95
N LYS B 258 -0.59 30.19 -16.09
CA LYS B 258 -1.42 29.68 -17.21
C LYS B 258 -2.09 28.36 -16.82
N GLU B 259 -1.53 27.66 -15.84
CA GLU B 259 -2.01 26.34 -15.40
C GLU B 259 -1.98 25.34 -16.56
N GLY B 260 -0.84 25.24 -17.22
CA GLY B 260 -0.64 24.23 -18.24
C GLY B 260 0.82 23.93 -18.43
N SER B 261 1.12 22.93 -19.23
CA SER B 261 2.52 22.49 -19.43
C SER B 261 2.84 22.32 -20.89
N GLU B 262 4.05 22.69 -21.27
CA GLU B 262 4.62 22.23 -22.55
C GLU B 262 5.43 20.98 -22.26
N MET B 263 5.13 19.88 -22.92
CA MET B 263 5.90 18.65 -22.73
C MET B 263 6.88 18.48 -23.89
N LEU B 264 8.14 18.31 -23.55
CA LEU B 264 9.20 17.95 -24.49
C LEU B 264 9.33 16.43 -24.44
N VAL B 265 9.38 15.76 -25.59
CA VAL B 265 9.28 14.30 -25.67
C VAL B 265 10.39 13.75 -26.55
N VAL B 266 11.09 12.76 -26.02
CA VAL B 266 11.88 11.83 -26.86
C VAL B 266 11.40 10.42 -26.52
N SER B 267 11.10 9.62 -27.53
CA SER B 267 10.45 8.33 -27.25
C SER B 267 10.72 7.33 -28.36
N ASP B 268 10.79 6.06 -27.99
CA ASP B 268 10.80 4.95 -28.96
C ASP B 268 9.44 4.84 -29.66
N SER B 269 8.39 5.42 -29.08
CA SER B 269 7.04 5.41 -29.68
CA SER B 269 7.02 5.41 -29.66
C SER B 269 6.76 6.76 -30.35
N ALA B 270 6.62 6.75 -31.67
CA ALA B 270 6.37 7.99 -32.42
C ALA B 270 5.03 8.64 -32.04
N ASP B 271 4.06 7.88 -31.54
CA ASP B 271 2.68 8.41 -31.29
C ASP B 271 2.40 8.44 -29.78
N LEU B 272 3.44 8.55 -28.95
CA LEU B 272 3.26 8.38 -27.50
C LEU B 272 2.17 9.31 -26.96
N THR B 273 2.25 10.63 -27.21
CA THR B 273 1.29 11.58 -26.61
C THR B 273 -0.05 11.52 -27.32
N GLU B 274 -0.05 11.24 -28.62
CA GLU B 274 -1.34 11.04 -29.34
CA GLU B 274 -1.33 11.01 -29.35
C GLU B 274 -2.09 9.87 -28.66
N ARG B 275 -1.41 8.76 -28.39
CA ARG B 275 -2.07 7.56 -27.80
CA ARG B 275 -2.08 7.57 -27.80
C ARG B 275 -2.45 7.86 -26.35
N ALA B 276 -1.55 8.47 -25.58
CA ALA B 276 -1.83 8.66 -24.15
C ALA B 276 -2.88 9.75 -23.90
N TYR B 277 -2.78 10.87 -24.59
CA TYR B 277 -3.49 12.13 -24.24
C TYR B 277 -4.43 12.59 -25.35
N GLY B 278 -4.33 12.00 -26.54
CA GLY B 278 -5.07 12.49 -27.72
C GLY B 278 -4.49 13.80 -28.22
N LYS B 279 -3.23 14.07 -27.89
CA LYS B 279 -2.58 15.34 -28.28
C LYS B 279 -1.21 15.04 -28.86
N PRO B 280 -1.08 15.02 -30.20
CA PRO B 280 0.17 14.62 -30.82
C PRO B 280 1.27 15.63 -30.59
N THR B 281 2.49 15.12 -30.44
N THR B 281 2.48 15.09 -30.51
CA THR B 281 3.63 16.03 -30.49
CA THR B 281 3.77 15.80 -30.47
C THR B 281 3.87 16.46 -31.93
C THR B 281 4.10 16.34 -31.88
N VAL B 282 4.49 17.61 -32.02
CA VAL B 282 5.01 18.17 -33.28
C VAL B 282 6.45 18.50 -33.03
N ASP B 283 7.33 17.82 -33.77
N ASP B 283 7.37 17.83 -33.72
CA ASP B 283 8.80 17.88 -33.55
CA ASP B 283 8.81 18.12 -33.53
C ASP B 283 9.11 17.87 -32.06
C ASP B 283 9.16 17.89 -32.05
N GLY B 284 8.53 16.90 -31.38
CA GLY B 284 8.90 16.59 -29.99
C GLY B 284 8.33 17.52 -28.96
N ARG B 285 7.34 18.34 -29.30
CA ARG B 285 6.73 19.26 -28.31
C ARG B 285 5.22 19.17 -28.39
N VAL B 286 4.55 19.30 -27.25
CA VAL B 286 3.08 19.42 -27.23
C VAL B 286 2.68 20.30 -26.07
N TRP B 287 1.74 21.19 -26.30
CA TRP B 287 1.11 21.99 -25.26
C TRP B 287 -0.05 21.23 -24.66
N LEU B 288 -0.01 21.08 -23.34
CA LEU B 288 -1.04 20.37 -22.56
C LEU B 288 -1.76 21.35 -21.67
N ASP B 289 -2.83 21.94 -22.19
CA ASP B 289 -3.68 22.87 -21.43
CA ASP B 289 -3.66 22.89 -21.43
C ASP B 289 -4.14 22.22 -20.14
N GLY B 290 -4.12 22.95 -19.05
CA GLY B 290 -4.64 22.46 -17.76
C GLY B 290 -3.74 21.49 -17.01
N VAL B 291 -2.62 21.07 -17.59
CA VAL B 291 -1.80 20.05 -16.93
C VAL B 291 -0.81 20.71 -15.97
N LEU B 292 -1.01 20.42 -14.70
CA LEU B 292 -0.11 20.79 -13.60
C LEU B 292 0.50 19.54 -12.95
N SER B 293 -0.24 18.45 -12.83
CA SER B 293 0.12 17.32 -11.96
C SER B 293 0.69 16.15 -12.73
N ARG B 294 1.91 15.77 -12.41
CA ARG B 294 2.48 14.54 -13.00
C ARG B 294 1.72 13.30 -12.52
N LYS B 295 1.50 13.17 -11.20
CA LYS B 295 0.85 11.93 -10.70
C LYS B 295 -0.58 11.78 -11.21
N LYS B 296 -1.29 12.87 -11.45
CA LYS B 296 -2.73 12.73 -11.76
C LYS B 296 -3.00 12.90 -13.25
N GLN B 297 -2.27 13.77 -13.94
CA GLN B 297 -2.60 14.17 -15.32
C GLN B 297 -1.59 13.61 -16.33
N VAL B 298 -0.45 13.11 -15.92
CA VAL B 298 0.58 12.66 -16.87
C VAL B 298 0.76 11.15 -16.76
N VAL B 299 1.05 10.66 -15.55
CA VAL B 299 1.42 9.25 -15.34
C VAL B 299 0.28 8.29 -15.67
N PRO B 300 -0.96 8.48 -15.18
CA PRO B 300 -1.96 7.43 -15.35
C PRO B 300 -2.20 7.04 -16.79
N ALA B 301 -2.41 8.05 -17.64
CA ALA B 301 -2.74 7.73 -19.04
C ALA B 301 -1.54 7.11 -19.74
N LEU B 302 -0.34 7.52 -19.39
CA LEU B 302 0.90 6.91 -19.96
CA LEU B 302 0.86 6.93 -19.99
C LEU B 302 0.98 5.46 -19.54
N GLN B 303 0.83 5.21 -18.25
CA GLN B 303 1.00 3.85 -17.72
C GLN B 303 -0.04 2.95 -18.36
N ASP B 304 -1.27 3.40 -18.42
CA ASP B 304 -2.36 2.61 -19.02
C ASP B 304 -2.04 2.32 -20.49
N ALA B 305 -1.47 3.25 -21.25
CA ALA B 305 -1.12 3.04 -22.68
C ALA B 305 -0.05 1.95 -22.82
N PHE B 306 0.95 1.93 -21.94
CA PHE B 306 2.02 0.91 -21.95
C PHE B 306 1.49 -0.46 -21.52
N GLN B 307 0.42 -0.53 -20.72
CA GLN B 307 -0.07 -1.81 -20.18
C GLN B 307 -0.87 -2.52 -21.28
N LYS B 308 -1.38 -1.75 -22.25
CA LYS B 308 -2.16 -2.21 -23.44
C LYS B 308 -1.22 -2.46 -24.63
MG MG C . -8.35 -13.41 5.34
MG MG D . -7.36 -11.15 7.78
MG MG E . -6.12 -16.81 8.23
MG MG F . -8.62 -14.63 8.34
MG MG G . -14.83 -23.52 8.74
CA CA H . 3.20 -3.47 -5.02
P1 2PN I . -5.78 -13.81 7.04
O1 2PN I . -6.44 -13.74 5.66
O2 2PN I . -6.40 -14.87 7.91
O3 2PN I . -5.77 -12.45 7.71
N1 2PN I . -4.21 -14.22 6.78
P2 2PN I . -3.29 -15.55 7.08
O4 2PN I . -2.62 -15.85 5.74
O5 2PN I . -4.21 -16.68 7.49
O6 2PN I . -2.28 -15.20 8.15
N1 EPE J . -23.56 -16.56 25.88
C2 EPE J . -23.39 -16.64 27.35
C3 EPE J . -22.20 -17.49 27.64
N4 EPE J . -22.36 -18.85 27.09
C5 EPE J . -22.57 -18.79 25.61
C6 EPE J . -23.76 -17.90 25.36
C7 EPE J . -21.17 -19.71 27.46
C8 EPE J . -21.13 -21.08 26.77
O8 EPE J . -20.52 -20.96 25.48
C9 EPE J . -24.78 -15.77 25.58
C10 EPE J . -24.71 -14.29 25.92
S EPE J . -23.51 -13.38 25.10
O1S EPE J . -23.86 -11.97 25.40
O2S EPE J . -23.58 -13.71 23.71
O3S EPE J . -22.18 -13.74 25.60
C1 GOL K . -14.80 -12.35 27.95
O1 GOL K . -15.40 -13.19 26.98
C2 GOL K . -15.80 -11.77 28.92
O2 GOL K . -16.62 -12.80 29.47
C3 GOL K . -15.12 -10.99 30.02
O3 GOL K . -14.20 -10.04 29.48
C1 GOL L . -17.66 -21.87 29.20
O1 GOL L . -18.39 -20.95 30.02
C2 GOL L . -17.44 -23.17 29.95
O2 GOL L . -18.72 -23.72 30.17
C3 GOL L . -16.55 -24.14 29.21
O3 GOL L . -15.34 -23.53 28.77
F F M . -8.46 -12.72 7.20
MG MG N . 7.61 14.36 -3.97
MG MG O . 4.35 14.64 -2.77
MG MG P . 5.94 17.13 -7.80
MG MG Q . 6.31 17.29 -4.50
MG MG R . 13.76 24.84 -7.03
P1 2PN S . 5.14 14.63 -5.86
O1 2PN S . 5.38 16.08 -6.18
O2 2PN S . 6.41 13.87 -5.50
O3 2PN S . 4.07 14.46 -4.80
N1 2PN S . 4.59 13.91 -7.22
P2 2PN S . 4.45 14.33 -8.82
O4 2PN S . 5.25 15.64 -9.00
O5 2PN S . 2.98 14.50 -9.14
O6 2PN S . 5.09 13.18 -9.58
N1 EPE T . 4.22 38.07 5.12
C2 EPE T . 3.16 39.09 5.07
C3 EPE T . 2.62 39.20 3.64
N4 EPE T . 3.73 39.54 2.68
C5 EPE T . 4.82 38.56 2.78
C6 EPE T . 5.29 38.46 4.20
C7 EPE T . 3.19 39.66 1.30
C8 EPE T . 4.20 39.84 0.14
O8 EPE T . 4.72 38.60 -0.28
C9 EPE T . 4.81 38.07 6.48
C10 EPE T . 3.96 37.43 7.59
S EPE T . 3.52 35.80 7.37
O1S EPE T . 2.53 35.68 6.29
O2S EPE T . 4.64 34.98 6.96
O3S EPE T . 3.04 35.43 8.70
C1 GOL U . -4.24 33.53 2.60
O1 GOL U . -2.86 33.49 2.31
C2 GOL U . -4.51 34.42 3.79
O2 GOL U . -3.95 35.72 3.55
C3 GOL U . -5.98 34.56 4.12
O3 GOL U . -6.62 33.30 4.13
C1 GOL V . 0.79 40.36 -2.57
O1 GOL V . 0.25 40.88 -1.35
C2 GOL V . 0.88 41.46 -3.62
O2 GOL V . 1.71 42.49 -3.14
C3 GOL V . 1.41 40.95 -4.96
O3 GOL V . 0.75 39.77 -5.38
F F W . 6.13 15.45 -3.28
#